data_5UL1
#
_entry.id   5UL1
#
_cell.length_a   100.431
_cell.length_b   108.814
_cell.length_c   136.576
_cell.angle_alpha   90.000
_cell.angle_beta   90.000
_cell.angle_gamma   90.000
#
_symmetry.space_group_name_H-M   'P 21 21 21'
#
loop_
_entity.id
_entity.type
_entity.pdbx_description
1 polymer 'Phosphatidylinositol 4,5-bisphosphate 3-kinase catalytic subunit alpha isoform'
2 polymer 'Phosphatidylinositol 3-kinase regulatory subunit alpha'
3 non-polymer 3-amino-6-(4-{[(2S)-1-(dimethylamino)propan-2-yl]sulfonyl}phenyl)-N-phenylpyrazine-2-carboxamide
4 water water
#
loop_
_entity_poly.entity_id
_entity_poly.type
_entity_poly.pdbx_seq_one_letter_code
_entity_poly.pdbx_strand_id
1 'polypeptide(L)'
;MPPRPSSGELWGIHLMPPRILVECLLPNGMIVTLECLREATLITIKHELFKEARKYPLHQLLQDESSYIFVSVTQEAERE
EFFDETRRLCDLRLFQPFLKVIEPVGNREEKILNREIGFAIGMPVCEFDMVKDPEVQDFRRNILNVCKEAVDLRDLNSPH
SRAMYVYPPNVESSPELPKHIYNKLDKGQIIVVIWVIVSPNNDKQKYTLKINHDCVPEQVIAEAIRKKTRSKKLSSEQLK
LCVLEYQGKYILKVCGCDEYFLEKYPLSQYKYIRSCIMLGRMPNLMLMAKESLYSQLPMDCFTMPSYSRRISTATPYMNG
ETSTKSLWVINSALRIKILCATYVNVNIRDIDKIYVRTGIYHGGEPLCDNVNTQRVPCSNPRWNEWLNYDIYIPDLPRAA
RLCLSICSVKGRKGAKEEHCPLAWGNINLFDYTDTLVSGKMALNLWPVPHGLEDLLNPIGVTGSNPNKETPCLELEFDWF
SSVVKFPDMSVIEEHANWSVSREAGFSYSHAGLSNRLARDNELRENDKEQLKAISTRDPLSEITEQEKDFLWSHRHYCVT
IPEILPKLLLSVKWNSRDEVAQMYCLVKDWPPIKPEQAMELLDCNYPDPMVRGFAVRCLEKYLTDDKLSQYLIQLVQVLK
YEQYLDNLLVRFLLKKALTNQRIGHFFFWHLKSEMHNKTVSQRFGLLLESYCRACGMYLKHLNRQVEAMEKLINLTDILK
QEKKDETQKVQMKFLVEQMRRPDFMDALQGFLSPLNPAHQLGNLRLEECEIMSSAKRPLKLNWENPDIMSELLFQNNIIM
FKNGDDLRQDMLTLQIIRIMENIWQNQGLDLRMLPYGCLSIGDCVGLIEWVRNSHTIMQIQCKGGLKGALQFNSHTLHQW
LKDKNKGEIYDAAIDLFTRSCAGYCVATFILGIGDRHNSNIMVKDDGQLVHIDFGHFLDHKKKKFGYKRERVPFVLTQDF
LIVISKGAQECTKTREFERFQEMCYKAYLAIRQHANLFINLFSMMLGSGMPELQSFDDIAYIRKTLALDKTEQEALEYFM
KQMNDAHHGGWTTKMDWIFHTIKQHALNHHHHHH
;
A
2 'polypeptide(L)'
;MHNLQYLPPKPPKPTTVANNGMNNNMSLQDAEWYWGDISREEVNEKLRDTADGTFLVRDASTKMHGDYTLTLRKGGNNKL
IKIFHRDGKYGFSDPLTFSSVVELINHYRNESLAQYNPKLDVKLLYPVSKYQQDQVVKEDNIEAVGKKLHEYNTQFQEKS
REYDRLYEEYTRTSQEIQMKRTAIEAFNETIKIFEEQCQTQERYSKEYIEKFKREGNEKEIQRIMHNYDKLKSRISEIID
SRRRLEEDLKKQAAEYREIDKRMNSIKPDLIQLRKTRDQYLMWLTQKGVRQKK
;
B
#
# COMPACT_ATOMS: atom_id res chain seq x y z
N PRO A 2 -12.58 17.74 5.56
CA PRO A 2 -12.19 16.71 4.59
C PRO A 2 -10.92 17.14 3.85
N PRO A 3 -10.22 16.26 3.08
CA PRO A 3 -9.03 16.73 2.34
C PRO A 3 -9.38 17.74 1.23
N ARG A 4 -8.44 18.67 0.90
CA ARG A 4 -8.64 19.71 -0.11
C ARG A 4 -9.04 19.15 -1.51
N PRO A 5 -10.14 19.69 -2.10
CA PRO A 5 -10.63 19.19 -3.41
C PRO A 5 -9.65 19.31 -4.57
N SER A 6 -9.05 20.50 -4.75
CA SER A 6 -8.09 20.85 -5.80
C SER A 6 -6.77 21.36 -5.20
N SER A 7 -5.77 21.55 -6.06
CA SER A 7 -4.40 21.99 -5.74
C SER A 7 -4.21 23.50 -5.85
N GLY A 8 -5.26 24.22 -6.21
CA GLY A 8 -5.22 25.67 -6.42
C GLY A 8 -5.02 26.56 -5.23
N GLU A 9 -4.67 27.83 -5.52
CA GLU A 9 -4.45 28.91 -4.54
C GLU A 9 -5.79 29.42 -4.01
N LEU A 10 -6.89 29.10 -4.72
CA LEU A 10 -8.29 29.36 -4.39
C LEU A 10 -9.16 28.23 -5.01
N TRP A 11 -10.46 28.17 -4.66
CA TRP A 11 -11.39 27.18 -5.22
C TRP A 11 -11.68 27.62 -6.65
N GLY A 12 -11.35 26.76 -7.60
CA GLY A 12 -11.56 27.03 -9.02
C GLY A 12 -10.58 28.02 -9.64
N ILE A 13 -9.47 28.29 -8.96
CA ILE A 13 -8.37 29.16 -9.41
C ILE A 13 -7.09 28.43 -9.06
N HIS A 14 -6.24 28.13 -10.05
CA HIS A 14 -5.01 27.41 -9.79
C HIS A 14 -3.99 28.32 -9.20
N LEU A 15 -3.88 29.52 -9.77
CA LEU A 15 -2.94 30.54 -9.33
C LEU A 15 -3.60 31.89 -9.28
N MET A 16 -3.28 32.64 -8.25
CA MET A 16 -3.82 33.97 -8.04
C MET A 16 -3.19 34.98 -9.02
N PRO A 17 -3.96 35.94 -9.58
CA PRO A 17 -3.34 36.98 -10.42
C PRO A 17 -2.33 37.81 -9.58
N PRO A 18 -1.40 38.61 -10.17
CA PRO A 18 -0.44 39.37 -9.33
C PRO A 18 -1.07 40.10 -8.14
N ARG A 19 -2.19 40.78 -8.36
CA ARG A 19 -2.94 41.51 -7.33
C ARG A 19 -4.34 40.91 -7.27
N ILE A 20 -4.93 40.87 -6.07
CA ILE A 20 -6.24 40.25 -5.85
C ILE A 20 -7.07 40.98 -4.79
N LEU A 21 -8.37 41.11 -5.01
CA LEU A 21 -9.18 41.76 -3.99
C LEU A 21 -9.60 40.78 -2.90
N VAL A 22 -9.43 41.21 -1.64
CA VAL A 22 -9.69 40.42 -0.45
C VAL A 22 -10.71 41.16 0.43
N GLU A 23 -11.78 40.45 0.82
CA GLU A 23 -12.82 40.98 1.70
C GLU A 23 -12.31 40.87 3.13
N CYS A 24 -12.12 42.02 3.77
CA CYS A 24 -11.64 42.03 5.14
C CYS A 24 -12.73 42.37 6.12
N LEU A 25 -13.13 41.37 6.92
CA LEU A 25 -14.18 41.50 7.91
C LEU A 25 -13.63 42.02 9.23
N LEU A 26 -13.85 43.31 9.50
CA LEU A 26 -13.36 43.93 10.72
C LEU A 26 -14.19 43.59 11.95
N PRO A 27 -13.60 43.63 13.16
CA PRO A 27 -14.38 43.27 14.36
C PRO A 27 -15.41 44.33 14.82
N ASN A 28 -15.44 45.51 14.15
CA ASN A 28 -16.39 46.57 14.41
C ASN A 28 -17.64 46.39 13.50
N GLY A 29 -17.71 45.24 12.81
CA GLY A 29 -18.79 44.88 11.89
C GLY A 29 -18.55 45.30 10.44
N MET A 30 -17.55 46.18 10.20
CA MET A 30 -17.26 46.70 8.86
C MET A 30 -16.59 45.71 7.93
N ILE A 31 -16.81 45.89 6.61
CA ILE A 31 -16.21 45.10 5.54
C ILE A 31 -15.29 46.03 4.70
N VAL A 32 -14.01 45.64 4.52
CA VAL A 32 -13.00 46.41 3.78
C VAL A 32 -12.45 45.61 2.60
N THR A 33 -12.61 46.13 1.36
CA THR A 33 -12.08 45.47 0.17
C THR A 33 -10.65 45.97 0.00
N LEU A 34 -9.68 45.08 0.21
CA LEU A 34 -8.26 45.39 0.12
C LEU A 34 -7.59 44.74 -1.09
N GLU A 35 -6.84 45.51 -1.88
CA GLU A 35 -6.08 45.01 -3.04
C GLU A 35 -4.74 44.46 -2.51
N CYS A 36 -4.61 43.14 -2.56
CA CYS A 36 -3.45 42.44 -2.05
C CYS A 36 -2.61 41.77 -3.12
N LEU A 37 -1.28 41.90 -3.01
CA LEU A 37 -0.35 41.25 -3.91
C LEU A 37 -0.34 39.79 -3.46
N ARG A 38 -0.55 38.83 -4.39
CA ARG A 38 -0.71 37.39 -4.11
C ARG A 38 0.33 36.76 -3.15
N GLU A 39 1.52 37.33 -3.04
CA GLU A 39 2.58 36.79 -2.19
C GLU A 39 2.87 37.66 -0.94
N ALA A 40 1.94 38.55 -0.60
CA ALA A 40 2.07 39.43 0.57
C ALA A 40 1.83 38.63 1.83
N THR A 41 2.75 38.71 2.81
CA THR A 41 2.58 38.00 4.07
C THR A 41 1.45 38.62 4.87
N LEU A 42 0.83 37.85 5.74
CA LEU A 42 -0.27 38.36 6.56
C LEU A 42 0.09 39.54 7.46
N ILE A 43 1.40 39.69 7.89
CA ILE A 43 1.88 40.81 8.74
C ILE A 43 1.61 42.13 7.99
N THR A 44 1.96 42.13 6.68
CA THR A 44 1.80 43.25 5.78
C THR A 44 0.33 43.54 5.57
N ILE A 45 -0.45 42.48 5.19
CA ILE A 45 -1.90 42.58 4.93
C ILE A 45 -2.60 43.17 6.14
N LYS A 46 -2.31 42.70 7.36
CA LYS A 46 -2.93 43.25 8.56
C LYS A 46 -2.59 44.73 8.70
N HIS A 47 -1.31 45.08 8.44
CA HIS A 47 -0.81 46.44 8.55
C HIS A 47 -1.49 47.40 7.58
N GLU A 48 -1.52 47.04 6.30
CA GLU A 48 -2.17 47.84 5.26
C GLU A 48 -3.69 47.94 5.41
N LEU A 49 -4.33 46.93 6.05
CA LEU A 49 -5.76 46.88 6.30
C LEU A 49 -6.14 47.82 7.45
N PHE A 50 -5.36 47.82 8.54
CA PHE A 50 -5.67 48.68 9.68
C PHE A 50 -5.41 50.16 9.40
N LYS A 51 -4.55 50.44 8.40
CA LYS A 51 -4.26 51.78 7.91
C LYS A 51 -5.52 52.25 7.21
N GLU A 52 -6.03 51.43 6.28
CA GLU A 52 -7.24 51.66 5.48
C GLU A 52 -8.52 51.69 6.34
N ALA A 53 -8.52 50.95 7.47
CA ALA A 53 -9.64 50.83 8.41
C ALA A 53 -10.06 52.15 9.02
N ARG A 54 -9.15 53.14 9.01
CA ARG A 54 -9.41 54.49 9.52
C ARG A 54 -10.43 55.19 8.62
N LYS A 55 -10.36 54.95 7.30
CA LYS A 55 -11.28 55.53 6.32
C LYS A 55 -12.73 55.09 6.51
N TYR A 56 -12.95 53.91 7.12
CA TYR A 56 -14.29 53.34 7.32
C TYR A 56 -14.92 53.71 8.67
N PRO A 57 -16.25 53.66 8.85
CA PRO A 57 -16.83 54.03 10.15
C PRO A 57 -16.43 53.12 11.32
N LEU A 58 -16.60 53.60 12.56
CA LEU A 58 -16.34 52.90 13.82
C LEU A 58 -14.89 52.42 14.08
N HIS A 59 -13.88 53.01 13.38
CA HIS A 59 -12.44 52.72 13.53
C HIS A 59 -11.99 52.91 14.99
N GLN A 60 -12.80 53.66 15.74
CA GLN A 60 -12.65 53.97 17.16
C GLN A 60 -12.76 52.69 18.01
N LEU A 61 -13.45 51.66 17.50
CA LEU A 61 -13.67 50.38 18.18
C LEU A 61 -12.52 49.40 18.04
N LEU A 62 -11.69 49.57 17.00
CA LEU A 62 -10.55 48.68 16.74
C LEU A 62 -9.38 48.95 17.67
N GLN A 63 -8.92 47.89 18.33
CA GLN A 63 -7.74 47.88 19.19
C GLN A 63 -6.50 47.97 18.29
N ASP A 64 -5.30 47.78 18.87
CA ASP A 64 -4.06 47.84 18.11
C ASP A 64 -4.06 46.69 17.09
N GLU A 65 -3.43 46.88 15.90
CA GLU A 65 -3.34 45.79 14.93
C GLU A 65 -2.71 44.54 15.60
N SER A 66 -1.69 44.78 16.46
CA SER A 66 -0.96 43.80 17.27
C SER A 66 -1.85 42.84 18.12
N SER A 67 -3.04 43.33 18.57
CA SER A 67 -3.99 42.54 19.37
C SER A 67 -4.74 41.49 18.55
N TYR A 68 -4.62 41.52 17.20
CA TYR A 68 -5.35 40.58 16.35
C TYR A 68 -4.50 39.64 15.49
N ILE A 69 -5.20 38.67 14.85
CA ILE A 69 -4.74 37.70 13.88
C ILE A 69 -5.93 37.42 12.92
N PHE A 70 -5.64 36.87 11.71
CA PHE A 70 -6.70 36.52 10.74
C PHE A 70 -7.18 35.07 10.84
N VAL A 71 -8.43 34.89 10.49
CA VAL A 71 -9.11 33.60 10.40
C VAL A 71 -9.84 33.59 9.04
N SER A 72 -9.90 32.41 8.37
CA SER A 72 -10.66 32.20 7.12
C SER A 72 -11.01 30.73 6.91
N VAL A 73 -11.93 30.45 5.94
CA VAL A 73 -12.36 29.11 5.52
C VAL A 73 -11.30 28.60 4.55
N THR A 74 -10.65 27.46 4.86
CA THR A 74 -9.65 26.86 3.95
C THR A 74 -10.36 25.96 2.93
N GLN A 75 -9.59 25.39 1.98
CA GLN A 75 -10.11 24.48 0.95
C GLN A 75 -10.66 23.18 1.55
N GLU A 76 -10.13 22.79 2.73
CA GLU A 76 -10.52 21.64 3.56
C GLU A 76 -11.82 21.95 4.34
N ALA A 77 -12.46 23.11 4.03
CA ALA A 77 -13.67 23.64 4.67
C ALA A 77 -13.50 23.89 6.18
N GLU A 78 -12.26 24.16 6.64
CA GLU A 78 -11.92 24.44 8.05
C GLU A 78 -11.80 25.94 8.31
N ARG A 79 -12.19 26.37 9.52
CA ARG A 79 -12.08 27.76 9.94
C ARG A 79 -10.71 27.79 10.60
N GLU A 80 -9.70 28.15 9.81
CA GLU A 80 -8.33 28.16 10.28
C GLU A 80 -7.97 29.54 10.71
N GLU A 81 -7.28 29.64 11.86
CA GLU A 81 -6.76 30.88 12.46
C GLU A 81 -5.28 30.91 12.08
N PHE A 82 -4.81 32.03 11.58
CA PHE A 82 -3.45 32.17 11.10
C PHE A 82 -2.52 32.87 12.11
N PHE A 83 -1.87 32.05 12.97
CA PHE A 83 -0.91 32.50 13.98
C PHE A 83 0.47 32.76 13.34
N ASP A 84 0.85 32.02 12.30
CA ASP A 84 2.12 32.28 11.66
C ASP A 84 1.92 33.40 10.64
N GLU A 85 1.87 34.66 11.13
CA GLU A 85 1.64 35.83 10.27
C GLU A 85 2.75 36.02 9.22
N THR A 86 3.87 35.29 9.32
CA THR A 86 4.93 35.35 8.32
C THR A 86 4.56 34.57 7.04
N ARG A 87 3.39 33.91 7.02
CA ARG A 87 2.85 33.16 5.88
C ARG A 87 2.28 34.13 4.83
N ARG A 88 2.44 33.76 3.56
CA ARG A 88 1.98 34.54 2.43
C ARG A 88 0.54 34.11 2.12
N LEU A 89 -0.18 35.01 1.48
CA LEU A 89 -1.58 34.89 1.04
C LEU A 89 -1.82 33.73 0.03
N CYS A 90 -0.88 33.49 -0.89
CA CYS A 90 -1.00 32.39 -1.87
C CYS A 90 -0.80 30.99 -1.23
N ASP A 91 -0.22 30.96 -0.01
CA ASP A 91 0.07 29.73 0.70
C ASP A 91 -0.99 29.38 1.79
N LEU A 92 -2.08 30.13 1.87
CA LEU A 92 -3.09 29.94 2.90
C LEU A 92 -4.08 28.78 2.64
N ARG A 93 -4.24 28.37 1.36
CA ARG A 93 -5.17 27.35 0.86
C ARG A 93 -6.62 27.86 1.06
N LEU A 94 -6.88 29.17 0.86
CA LEU A 94 -8.23 29.74 1.08
C LEU A 94 -9.22 29.25 0.06
N PHE A 95 -10.45 29.05 0.52
CA PHE A 95 -11.56 28.68 -0.35
C PHE A 95 -11.94 29.90 -1.20
N GLN A 96 -12.18 31.06 -0.56
CA GLN A 96 -12.55 32.33 -1.21
C GLN A 96 -11.63 33.45 -0.75
N PRO A 97 -11.47 34.56 -1.52
CA PRO A 97 -10.56 35.62 -1.05
C PRO A 97 -11.17 36.53 0.00
N PHE A 98 -11.22 36.07 1.24
CA PHE A 98 -11.68 36.86 2.38
C PHE A 98 -10.83 36.58 3.60
N LEU A 99 -10.81 37.50 4.57
CA LEU A 99 -10.11 37.35 5.83
C LEU A 99 -10.95 37.99 6.94
N LYS A 100 -11.18 37.28 8.06
CA LYS A 100 -11.91 37.80 9.23
C LYS A 100 -10.90 38.17 10.29
N VAL A 101 -11.06 39.33 10.89
CA VAL A 101 -10.17 39.83 11.92
C VAL A 101 -10.74 39.45 13.29
N ILE A 102 -9.94 38.69 14.07
CA ILE A 102 -10.29 38.20 15.39
C ILE A 102 -9.10 38.32 16.34
N GLU A 103 -9.39 38.38 17.64
CA GLU A 103 -8.40 38.40 18.71
C GLU A 103 -8.16 36.94 19.05
N PRO A 104 -6.89 36.49 19.18
CA PRO A 104 -6.64 35.07 19.49
C PRO A 104 -7.10 34.63 20.88
N VAL A 105 -7.96 33.61 20.89
CA VAL A 105 -8.50 32.93 22.07
C VAL A 105 -7.88 31.52 22.20
N GLY A 106 -8.01 30.92 23.37
CA GLY A 106 -7.51 29.57 23.64
C GLY A 106 -6.02 29.38 23.72
N ASN A 107 -5.61 28.11 23.64
CA ASN A 107 -4.25 27.60 23.73
C ASN A 107 -3.51 27.85 22.42
N ARG A 108 -2.63 28.87 22.36
CA ARG A 108 -1.87 29.19 21.14
C ARG A 108 -0.98 28.01 20.80
N GLU A 109 -0.20 27.51 21.78
CA GLU A 109 0.74 26.37 21.63
C GLU A 109 0.07 25.12 21.03
N GLU A 110 -1.06 24.69 21.61
CA GLU A 110 -1.82 23.53 21.17
C GLU A 110 -2.42 23.77 19.80
N LYS A 111 -3.11 24.90 19.59
CA LYS A 111 -3.74 25.24 18.30
C LYS A 111 -2.75 25.17 17.14
N ILE A 112 -1.53 25.69 17.37
CA ILE A 112 -0.46 25.72 16.37
C ILE A 112 -0.02 24.31 15.97
N LEU A 113 0.24 23.43 16.97
CA LEU A 113 0.64 22.05 16.72
C LEU A 113 -0.41 21.32 15.89
N ASN A 114 -1.69 21.45 16.28
CA ASN A 114 -2.81 20.84 15.58
C ASN A 114 -2.89 21.30 14.13
N ARG A 115 -2.48 22.56 13.81
CA ARG A 115 -2.42 23.05 12.42
C ARG A 115 -1.34 22.27 11.66
N GLU A 116 -0.14 22.17 12.27
CA GLU A 116 1.05 21.50 11.73
C GLU A 116 0.78 20.01 11.49
N ILE A 117 0.08 19.34 12.44
CA ILE A 117 -0.30 17.92 12.32
C ILE A 117 -1.30 17.75 11.15
N GLY A 118 -2.37 18.53 11.17
CA GLY A 118 -3.38 18.52 10.12
C GLY A 118 -2.88 18.84 8.73
N PHE A 119 -1.74 19.58 8.63
CA PHE A 119 -1.15 19.91 7.33
C PHE A 119 -0.34 18.72 6.80
N ALA A 120 0.42 18.06 7.68
CA ALA A 120 1.23 16.87 7.36
C ALA A 120 0.27 15.75 6.90
N ILE A 121 -0.88 15.58 7.61
CA ILE A 121 -1.95 14.62 7.33
C ILE A 121 -2.74 15.04 6.07
N GLY A 122 -2.95 16.35 5.91
CA GLY A 122 -3.73 16.85 4.78
C GLY A 122 -5.20 16.67 5.10
N MET A 123 -5.52 16.89 6.38
CA MET A 123 -6.87 16.79 6.93
C MET A 123 -6.91 17.48 8.30
N PRO A 124 -7.88 18.39 8.53
CA PRO A 124 -8.00 19.04 9.84
C PRO A 124 -8.31 18.04 10.98
N VAL A 125 -7.41 17.97 11.97
CA VAL A 125 -7.45 17.12 13.18
C VAL A 125 -8.82 17.18 13.88
N CYS A 126 -9.42 18.38 13.93
CA CYS A 126 -10.71 18.72 14.53
C CYS A 126 -11.86 17.83 14.03
N GLU A 127 -11.67 17.18 12.85
CA GLU A 127 -12.60 16.22 12.27
C GLU A 127 -12.64 14.92 13.09
N PHE A 128 -11.51 14.52 13.72
CA PHE A 128 -11.44 13.33 14.56
C PHE A 128 -12.14 13.56 15.92
N ASP A 129 -12.24 14.84 16.36
CA ASP A 129 -12.90 15.21 17.62
C ASP A 129 -14.40 15.05 17.47
N MET A 130 -14.88 15.28 16.25
CA MET A 130 -16.30 15.19 15.89
C MET A 130 -16.80 13.74 15.76
N VAL A 131 -15.89 12.74 15.64
CA VAL A 131 -16.27 11.33 15.45
C VAL A 131 -16.90 10.77 16.71
N LYS A 132 -18.19 10.42 16.63
CA LYS A 132 -18.99 9.88 17.75
C LYS A 132 -18.45 8.55 18.29
N ASP A 133 -17.97 7.66 17.36
CA ASP A 133 -17.45 6.32 17.63
C ASP A 133 -16.53 6.21 18.86
N PRO A 134 -16.94 5.42 19.90
CA PRO A 134 -16.08 5.24 21.08
C PRO A 134 -14.73 4.62 20.75
N GLU A 135 -14.67 3.67 19.78
CA GLU A 135 -13.41 3.04 19.37
C GLU A 135 -12.40 4.08 18.91
N VAL A 136 -12.85 4.98 18.02
CA VAL A 136 -12.10 6.09 17.46
C VAL A 136 -11.48 6.95 18.59
N GLN A 137 -12.32 7.30 19.60
CA GLN A 137 -11.93 8.11 20.74
C GLN A 137 -10.99 7.41 21.70
N ASP A 138 -11.32 6.14 22.05
CA ASP A 138 -10.49 5.29 22.89
C ASP A 138 -9.14 5.15 22.23
N PHE A 139 -9.12 4.83 20.90
CA PHE A 139 -7.88 4.70 20.15
C PHE A 139 -6.97 5.94 20.30
N ARG A 140 -7.52 7.16 20.09
CA ARG A 140 -6.75 8.40 20.22
C ARG A 140 -6.09 8.56 21.61
N ARG A 141 -6.84 8.25 22.68
CA ARG A 141 -6.40 8.31 24.07
C ARG A 141 -5.37 7.20 24.38
N ASN A 142 -5.81 5.93 24.27
CA ASN A 142 -4.99 4.75 24.55
C ASN A 142 -3.65 4.64 23.78
N ILE A 143 -3.56 5.18 22.55
CA ILE A 143 -2.33 5.08 21.76
C ILE A 143 -1.20 5.98 22.29
N LEU A 144 -1.56 7.00 23.10
CA LEU A 144 -0.61 7.98 23.65
C LEU A 144 0.45 7.38 24.56
N ASN A 145 0.20 6.17 25.10
CA ASN A 145 1.17 5.50 25.96
C ASN A 145 2.44 5.13 25.15
N VAL A 146 2.26 4.78 23.86
CA VAL A 146 3.29 4.42 22.89
C VAL A 146 4.11 5.69 22.64
N CYS A 147 3.42 6.82 22.47
CA CYS A 147 3.97 8.14 22.21
C CYS A 147 4.82 8.55 23.41
N LYS A 148 4.32 8.30 24.65
CA LYS A 148 5.04 8.58 25.90
C LYS A 148 6.28 7.68 25.99
N GLU A 149 6.09 6.34 25.88
CA GLU A 149 7.15 5.31 25.90
C GLU A 149 8.33 5.72 25.01
N ALA A 150 8.03 6.17 23.78
CA ALA A 150 9.02 6.53 22.78
C ALA A 150 9.83 7.79 23.10
N VAL A 151 9.16 8.92 23.39
CA VAL A 151 9.83 10.21 23.66
C VAL A 151 10.70 10.14 24.93
N ASP A 152 10.24 9.34 25.91
CA ASP A 152 10.97 9.10 27.14
C ASP A 152 12.28 8.32 26.90
N LEU A 153 12.23 7.27 26.05
CA LEU A 153 13.39 6.45 25.67
C LEU A 153 14.42 7.27 24.86
N ARG A 154 13.92 8.19 24.01
CA ARG A 154 14.70 9.08 23.15
C ARG A 154 15.50 10.15 23.94
N ASP A 155 15.28 10.26 25.27
CA ASP A 155 15.97 11.25 26.12
C ASP A 155 16.94 10.67 27.17
N LEU A 156 17.03 9.32 27.32
CA LEU A 156 18.02 8.69 28.22
C LEU A 156 19.34 8.75 27.44
N ASN A 157 20.35 9.46 27.97
CA ASN A 157 21.65 9.76 27.33
C ASN A 157 21.34 10.77 26.22
N SER A 158 20.58 11.82 26.62
CA SER A 158 20.05 12.94 25.85
C SER A 158 20.87 13.32 24.61
N PRO A 159 22.21 13.58 24.65
CA PRO A 159 22.91 13.91 23.39
C PRO A 159 22.98 12.73 22.38
N HIS A 160 23.31 11.52 22.86
CA HIS A 160 23.42 10.34 21.99
C HIS A 160 22.08 9.76 21.54
N SER A 161 21.20 9.35 22.49
CA SER A 161 19.88 8.74 22.19
C SER A 161 19.02 9.51 21.20
N ARG A 162 19.13 10.86 21.22
CA ARG A 162 18.42 11.74 20.31
C ARG A 162 19.01 11.59 18.90
N ALA A 163 20.36 11.52 18.81
CA ALA A 163 21.07 11.34 17.54
C ALA A 163 20.86 9.95 16.94
N MET A 164 20.67 8.92 17.79
CA MET A 164 20.38 7.54 17.36
C MET A 164 18.97 7.46 16.77
N TYR A 165 18.13 8.45 17.08
CA TYR A 165 16.78 8.54 16.54
C TYR A 165 16.87 9.24 15.18
N VAL A 166 17.37 10.48 15.13
CA VAL A 166 17.47 11.28 13.92
C VAL A 166 18.40 10.66 12.85
N TYR A 167 19.58 10.18 13.25
CA TYR A 167 20.52 9.56 12.31
C TYR A 167 20.81 8.10 12.71
N PRO A 168 19.85 7.15 12.53
CA PRO A 168 20.10 5.76 12.96
C PRO A 168 21.19 5.06 12.14
N PRO A 169 21.78 3.94 12.66
CA PRO A 169 22.82 3.25 11.89
C PRO A 169 22.22 2.50 10.72
N ASN A 170 22.74 2.77 9.51
CA ASN A 170 22.32 2.15 8.26
C ASN A 170 23.07 0.82 8.12
N VAL A 171 22.71 -0.14 8.99
CA VAL A 171 23.35 -1.45 9.09
C VAL A 171 22.51 -2.62 8.56
N GLU A 172 23.25 -3.63 8.08
CA GLU A 172 22.79 -4.92 7.60
C GLU A 172 22.30 -5.73 8.81
N SER A 173 21.71 -6.90 8.59
CA SER A 173 21.18 -7.68 9.70
C SER A 173 22.19 -8.66 10.31
N SER A 174 23.22 -9.04 9.53
CA SER A 174 24.25 -9.98 9.96
C SER A 174 25.62 -9.32 9.88
N PRO A 175 26.43 -9.36 10.97
CA PRO A 175 27.80 -8.78 10.88
C PRO A 175 28.70 -9.62 9.96
N GLU A 176 28.44 -10.96 9.94
CA GLU A 176 29.12 -11.99 9.15
C GLU A 176 29.05 -11.73 7.65
N LEU A 177 30.21 -11.44 7.09
CA LEU A 177 30.42 -11.13 5.70
C LEU A 177 30.25 -12.35 4.80
N PRO A 178 29.52 -12.25 3.65
CA PRO A 178 29.43 -13.41 2.74
C PRO A 178 30.82 -13.64 2.12
N LYS A 179 31.23 -14.92 1.96
CA LYS A 179 32.56 -15.28 1.46
C LYS A 179 32.98 -14.55 0.16
N HIS A 180 32.04 -14.32 -0.78
CA HIS A 180 32.34 -13.61 -2.03
C HIS A 180 32.74 -12.14 -1.81
N ILE A 181 32.18 -11.51 -0.75
CA ILE A 181 32.49 -10.12 -0.39
C ILE A 181 33.88 -10.08 0.24
N TYR A 182 34.19 -11.07 1.11
CA TYR A 182 35.47 -11.20 1.81
C TYR A 182 36.69 -11.21 0.88
N ASN A 183 36.60 -11.92 -0.26
CA ASN A 183 37.69 -12.04 -1.23
C ASN A 183 38.02 -10.71 -1.96
N LYS A 184 37.16 -9.68 -1.81
CA LYS A 184 37.40 -8.34 -2.36
C LYS A 184 38.42 -7.63 -1.48
N LEU A 185 38.42 -7.95 -0.17
CA LEU A 185 39.34 -7.37 0.82
C LEU A 185 40.73 -7.95 0.64
N ASP A 186 41.77 -7.11 0.78
CA ASP A 186 43.14 -7.59 0.76
C ASP A 186 43.44 -8.07 2.19
N LYS A 187 43.78 -9.37 2.35
CA LYS A 187 44.08 -10.08 3.60
C LYS A 187 43.09 -9.73 4.75
N GLY A 188 41.80 -9.75 4.42
CA GLY A 188 40.69 -9.48 5.35
C GLY A 188 40.64 -8.10 5.95
N GLN A 189 41.04 -7.08 5.16
CA GLN A 189 41.03 -5.69 5.60
C GLN A 189 40.71 -4.72 4.46
N ILE A 190 40.11 -3.56 4.80
CA ILE A 190 39.64 -2.51 3.87
C ILE A 190 40.49 -1.23 3.90
N ILE A 191 40.49 -0.50 2.77
CA ILE A 191 41.14 0.79 2.61
C ILE A 191 40.06 1.88 2.58
N VAL A 192 39.96 2.66 3.68
CA VAL A 192 38.99 3.74 3.88
C VAL A 192 39.67 5.10 3.71
N VAL A 193 38.92 6.15 3.36
CA VAL A 193 39.53 7.48 3.21
C VAL A 193 38.87 8.46 4.17
N ILE A 194 39.48 8.65 5.34
CA ILE A 194 39.00 9.58 6.34
C ILE A 194 39.34 11.02 5.96
N TRP A 195 38.33 11.78 5.58
CA TRP A 195 38.46 13.17 5.20
C TRP A 195 38.16 14.03 6.41
N VAL A 196 38.81 15.18 6.50
CA VAL A 196 38.62 16.08 7.64
C VAL A 196 38.67 17.54 7.22
N ILE A 197 37.67 18.36 7.57
CA ILE A 197 37.70 19.79 7.26
C ILE A 197 38.37 20.36 8.51
N VAL A 198 39.55 20.97 8.36
CA VAL A 198 40.30 21.44 9.51
C VAL A 198 40.20 22.94 9.66
N SER A 199 39.57 23.40 10.77
CA SER A 199 39.48 24.83 11.11
C SER A 199 40.94 25.27 11.31
N PRO A 200 41.45 26.46 10.88
CA PRO A 200 40.80 27.69 10.43
C PRO A 200 40.42 27.78 8.96
N ASN A 201 41.12 27.06 8.05
CA ASN A 201 40.75 27.14 6.64
C ASN A 201 40.09 25.86 6.17
N ASN A 202 39.07 26.02 5.32
CA ASN A 202 38.22 24.98 4.75
C ASN A 202 38.86 23.62 4.31
N ASP A 203 40.10 23.63 3.74
CA ASP A 203 40.70 22.52 2.99
C ASP A 203 40.95 21.18 3.68
N LYS A 204 40.17 20.29 3.12
CA LYS A 204 40.18 18.84 2.95
C LYS A 204 41.07 18.00 3.86
N GLN A 205 42.05 17.30 3.22
CA GLN A 205 43.08 16.41 3.83
C GLN A 205 42.60 14.95 3.93
N LYS A 206 43.41 14.02 3.36
CA LYS A 206 43.14 12.57 3.24
C LYS A 206 44.04 11.66 4.00
N TYR A 207 43.45 11.06 5.02
CA TYR A 207 44.11 10.08 5.86
C TYR A 207 43.73 8.67 5.41
N THR A 208 44.28 8.25 4.26
CA THR A 208 44.06 6.92 3.69
C THR A 208 44.49 5.88 4.73
N LEU A 209 43.57 5.02 5.17
CA LEU A 209 43.77 4.01 6.22
C LEU A 209 43.58 2.60 5.68
N LYS A 210 44.45 1.64 6.06
CA LYS A 210 44.31 0.23 5.71
C LYS A 210 44.04 -0.51 7.02
N ILE A 211 42.75 -0.64 7.35
CA ILE A 211 42.22 -1.19 8.59
C ILE A 211 41.37 -2.47 8.43
N ASN A 212 41.19 -3.23 9.52
CA ASN A 212 40.32 -4.42 9.55
C ASN A 212 38.87 -3.99 9.33
N HIS A 213 38.10 -4.78 8.56
CA HIS A 213 36.70 -4.48 8.28
C HIS A 213 35.79 -4.72 9.53
N ASP A 214 36.30 -5.45 10.54
CA ASP A 214 35.55 -5.72 11.78
C ASP A 214 35.57 -4.52 12.75
N CYS A 215 36.40 -3.49 12.43
CA CYS A 215 36.62 -2.28 13.22
C CYS A 215 35.35 -1.47 13.48
N VAL A 216 35.00 -1.32 14.77
CA VAL A 216 33.90 -0.48 15.30
C VAL A 216 34.23 0.98 14.89
N PRO A 217 33.26 1.90 14.59
CA PRO A 217 33.65 3.25 14.16
C PRO A 217 34.70 3.94 15.03
N GLU A 218 34.67 3.76 16.38
CA GLU A 218 35.67 4.39 17.27
C GLU A 218 37.07 3.74 17.15
N GLN A 219 37.17 2.47 16.69
CA GLN A 219 38.45 1.80 16.42
C GLN A 219 39.02 2.40 15.13
N VAL A 220 38.12 2.77 14.19
CA VAL A 220 38.47 3.40 12.91
C VAL A 220 38.92 4.82 13.22
N ILE A 221 38.26 5.45 14.23
CA ILE A 221 38.55 6.77 14.75
C ILE A 221 39.93 6.75 15.42
N ALA A 222 40.23 5.65 16.15
CA ALA A 222 41.51 5.43 16.83
C ALA A 222 42.66 5.38 15.82
N GLU A 223 42.60 4.45 14.84
CA GLU A 223 43.61 4.30 13.79
C GLU A 223 43.77 5.54 12.90
N ALA A 224 42.76 6.44 12.92
CA ALA A 224 42.77 7.70 12.17
C ALA A 224 43.73 8.65 12.86
N ILE A 225 43.68 8.66 14.21
CA ILE A 225 44.54 9.44 15.11
C ILE A 225 45.97 8.89 15.05
N ARG A 226 46.11 7.56 15.24
CA ARG A 226 47.36 6.77 15.22
C ARG A 226 48.22 7.05 13.97
N LYS A 227 47.60 7.51 12.87
CA LYS A 227 48.31 7.83 11.63
C LYS A 227 48.62 9.32 11.55
N LYS A 228 47.65 10.21 11.85
CA LYS A 228 47.84 11.67 11.80
C LYS A 228 48.83 12.22 12.85
N THR A 229 49.13 11.42 13.90
CA THR A 229 50.05 11.76 14.97
C THR A 229 50.77 10.50 15.50
N GLU A 237 53.53 4.66 21.28
CA GLU A 237 53.06 3.99 22.50
C GLU A 237 52.99 4.93 23.72
N GLN A 238 53.46 6.18 23.56
CA GLN A 238 53.46 7.19 24.61
C GLN A 238 52.14 7.98 24.71
N LEU A 239 51.40 8.11 23.58
CA LEU A 239 50.15 8.86 23.50
C LEU A 239 48.92 7.95 23.19
N LYS A 240 48.94 6.71 23.71
CA LYS A 240 47.85 5.74 23.54
C LYS A 240 46.67 6.05 24.48
N LEU A 241 46.89 6.93 25.48
CA LEU A 241 45.88 7.39 26.43
C LEU A 241 45.17 8.61 25.84
N CYS A 242 45.90 9.39 25.02
CA CYS A 242 45.44 10.59 24.31
C CYS A 242 44.33 10.23 23.32
N VAL A 243 44.45 9.05 22.68
CA VAL A 243 43.47 8.50 21.74
C VAL A 243 42.32 7.84 22.52
N LEU A 244 42.64 7.19 23.66
CA LEU A 244 41.68 6.51 24.57
C LEU A 244 40.68 7.46 25.23
N GLU A 245 40.90 8.79 25.10
CA GLU A 245 40.04 9.84 25.64
C GLU A 245 39.35 10.63 24.51
N TYR A 246 40.14 11.21 23.57
CA TYR A 246 39.68 12.04 22.45
C TYR A 246 38.84 11.31 21.37
N GLN A 247 38.67 9.96 21.50
CA GLN A 247 37.87 9.16 20.55
C GLN A 247 36.36 9.41 20.70
N GLY A 248 35.96 9.97 21.85
CA GLY A 248 34.57 10.33 22.13
C GLY A 248 34.28 11.80 21.84
N LYS A 249 35.21 12.47 21.11
CA LYS A 249 35.15 13.87 20.72
C LYS A 249 34.90 14.04 19.20
N TYR A 250 34.87 12.92 18.46
CA TYR A 250 34.62 12.88 17.02
C TYR A 250 33.78 11.66 16.62
N ILE A 251 32.94 11.82 15.58
CA ILE A 251 32.06 10.79 15.02
C ILE A 251 32.29 10.68 13.51
N LEU A 252 31.89 9.52 12.94
CA LEU A 252 32.03 9.27 11.51
C LEU A 252 30.73 9.43 10.72
N LYS A 253 30.82 10.11 9.57
CA LYS A 253 29.72 10.42 8.65
C LYS A 253 30.13 10.01 7.24
N VAL A 254 29.15 9.65 6.38
CA VAL A 254 29.40 9.30 4.99
C VAL A 254 29.57 10.60 4.19
N CYS A 255 30.55 10.64 3.28
CA CYS A 255 30.80 11.79 2.41
C CYS A 255 29.67 11.94 1.39
N GLY A 256 29.08 13.13 1.34
CA GLY A 256 28.03 13.49 0.40
C GLY A 256 26.58 13.35 0.85
N CYS A 257 26.33 12.80 2.07
CA CYS A 257 24.98 12.63 2.60
C CYS A 257 24.95 12.55 4.14
N ASP A 258 23.75 12.70 4.76
CA ASP A 258 23.56 12.72 6.20
C ASP A 258 23.41 11.32 6.81
N GLU A 259 24.33 10.41 6.47
CA GLU A 259 24.38 9.06 7.02
C GLU A 259 25.52 9.00 8.06
N TYR A 260 25.21 8.55 9.28
CA TYR A 260 26.14 8.54 10.40
C TYR A 260 26.38 7.18 11.03
N PHE A 261 27.66 6.90 11.35
CA PHE A 261 28.14 5.67 12.00
C PHE A 261 28.24 5.87 13.53
N LEU A 262 27.10 6.07 14.21
CA LEU A 262 27.07 6.33 15.64
C LEU A 262 27.18 5.10 16.53
N GLU A 263 26.60 3.96 16.15
CA GLU A 263 26.65 2.78 17.02
C GLU A 263 27.88 1.87 16.75
N LYS A 264 28.21 1.02 17.74
CA LYS A 264 29.35 0.09 17.79
C LYS A 264 29.30 -1.13 16.81
N TYR A 265 28.67 -0.98 15.62
CA TYR A 265 28.59 -2.06 14.63
C TYR A 265 29.92 -2.27 13.90
N PRO A 266 30.33 -3.53 13.54
CA PRO A 266 31.56 -3.71 12.74
C PRO A 266 31.44 -2.92 11.45
N LEU A 267 32.48 -2.23 11.02
CA LEU A 267 32.43 -1.36 9.84
C LEU A 267 31.78 -1.99 8.61
N SER A 268 32.13 -3.25 8.30
CA SER A 268 31.60 -3.97 7.14
C SER A 268 30.08 -4.16 7.24
N GLN A 269 29.52 -4.22 8.48
CA GLN A 269 28.09 -4.37 8.72
C GLN A 269 27.26 -3.11 8.31
N TYR A 270 27.91 -1.94 8.20
CA TYR A 270 27.27 -0.73 7.73
C TYR A 270 27.08 -0.84 6.20
N LYS A 271 25.85 -0.60 5.72
CA LYS A 271 25.45 -0.67 4.32
C LYS A 271 26.30 0.16 3.36
N TYR A 272 26.77 1.37 3.77
CA TYR A 272 27.61 2.19 2.88
C TYR A 272 28.97 1.49 2.64
N ILE A 273 29.54 0.90 3.73
CA ILE A 273 30.82 0.19 3.70
C ILE A 273 30.63 -1.11 2.92
N ARG A 274 29.66 -1.94 3.35
CA ARG A 274 29.33 -3.22 2.71
C ARG A 274 29.18 -3.09 1.18
N SER A 275 28.56 -1.99 0.71
CA SER A 275 28.40 -1.74 -0.72
C SER A 275 29.73 -1.42 -1.38
N CYS A 276 30.50 -0.48 -0.79
CA CYS A 276 31.83 -0.04 -1.24
C CYS A 276 32.81 -1.21 -1.43
N ILE A 277 32.79 -2.22 -0.50
CA ILE A 277 33.63 -3.44 -0.59
C ILE A 277 33.27 -4.21 -1.89
N MET A 278 31.96 -4.48 -2.09
CA MET A 278 31.38 -5.19 -3.22
C MET A 278 31.61 -4.54 -4.59
N LEU A 279 31.33 -3.24 -4.73
CA LEU A 279 31.47 -2.54 -6.00
C LEU A 279 32.91 -2.06 -6.26
N GLY A 280 33.84 -2.49 -5.40
CA GLY A 280 35.26 -2.15 -5.47
C GLY A 280 35.50 -0.65 -5.42
N ARG A 281 34.65 0.07 -4.66
CA ARG A 281 34.72 1.51 -4.49
C ARG A 281 35.46 1.86 -3.21
N MET A 282 35.98 3.09 -3.15
CA MET A 282 36.71 3.59 -2.00
C MET A 282 35.76 4.31 -1.00
N PRO A 283 35.57 3.78 0.24
CA PRO A 283 34.66 4.44 1.19
C PRO A 283 35.22 5.75 1.74
N ASN A 284 34.67 6.88 1.25
CA ASN A 284 35.07 8.20 1.68
C ASN A 284 34.20 8.64 2.87
N LEU A 285 34.81 8.73 4.07
CA LEU A 285 34.12 9.14 5.30
C LEU A 285 34.59 10.53 5.71
N MET A 286 33.72 11.26 6.43
CA MET A 286 34.03 12.59 6.94
C MET A 286 34.05 12.54 8.45
N LEU A 287 35.14 13.04 9.03
CA LEU A 287 35.28 13.10 10.48
C LEU A 287 34.82 14.49 10.92
N MET A 288 33.84 14.49 11.83
CA MET A 288 33.28 15.69 12.43
C MET A 288 33.09 15.45 13.94
N ALA A 289 33.05 16.52 14.74
CA ALA A 289 32.91 16.44 16.19
C ALA A 289 31.49 16.07 16.62
N LYS A 290 31.37 15.35 17.76
CA LYS A 290 30.09 14.95 18.36
C LYS A 290 29.33 16.23 18.70
N GLU A 291 30.05 17.21 19.31
CA GLU A 291 29.60 18.52 19.77
C GLU A 291 28.98 19.36 18.65
N SER A 292 29.54 19.27 17.42
CA SER A 292 29.02 20.00 16.25
C SER A 292 27.75 19.37 15.65
N LEU A 293 27.35 18.19 16.18
CA LEU A 293 26.17 17.47 15.77
C LEU A 293 25.09 17.51 16.86
N TYR A 294 25.48 17.21 18.13
CA TYR A 294 24.57 17.16 19.28
C TYR A 294 23.97 18.54 19.59
N SER A 295 24.62 19.62 19.09
CA SER A 295 24.19 21.01 19.20
C SER A 295 23.06 21.31 18.21
N GLN A 296 23.13 20.72 17.00
CA GLN A 296 22.14 20.87 15.92
C GLN A 296 20.84 20.14 16.29
N LEU A 297 20.94 19.12 17.19
CA LEU A 297 19.84 18.29 17.67
C LEU A 297 18.95 19.04 18.67
N PRO A 298 17.69 19.34 18.29
CA PRO A 298 16.82 20.10 19.19
C PRO A 298 16.06 19.27 20.21
N MET A 299 15.60 19.96 21.26
CA MET A 299 14.85 19.45 22.39
C MET A 299 13.39 19.19 22.01
N ASP A 300 13.10 18.02 21.40
CA ASP A 300 11.73 17.72 21.00
C ASP A 300 10.91 17.18 22.19
N CYS A 301 9.72 17.77 22.42
CA CYS A 301 8.83 17.46 23.54
C CYS A 301 7.47 16.95 23.13
N PHE A 302 6.97 15.99 23.92
CA PHE A 302 5.66 15.42 23.72
C PHE A 302 4.71 16.05 24.73
N THR A 303 3.66 16.68 24.22
CA THR A 303 2.63 17.27 25.06
C THR A 303 1.39 16.42 24.95
N MET A 304 0.68 16.25 26.05
CA MET A 304 -0.57 15.51 26.06
C MET A 304 -1.67 16.38 25.46
N PRO A 305 -2.52 15.80 24.60
CA PRO A 305 -3.54 16.59 23.91
C PRO A 305 -4.77 16.96 24.71
N SER A 306 -5.53 17.94 24.18
CA SER A 306 -6.79 18.44 24.70
C SER A 306 -7.71 17.27 25.06
N TYR A 307 -7.90 16.33 24.10
CA TYR A 307 -8.75 15.15 24.25
C TYR A 307 -8.29 14.17 25.34
N SER A 308 -6.98 14.13 25.63
CA SER A 308 -6.46 13.24 26.67
C SER A 308 -6.81 13.77 28.05
N ARG A 309 -6.95 15.10 28.17
CA ARG A 309 -7.28 15.76 29.42
C ARG A 309 -8.78 15.70 29.79
N ARG A 310 -9.66 15.22 28.86
CA ARG A 310 -11.11 15.12 29.13
C ARG A 310 -11.61 13.66 29.35
N ILE A 311 -12.85 13.55 29.90
CA ILE A 311 -13.60 12.33 30.26
C ILE A 311 -13.79 11.41 29.04
N THR A 324 -23.93 -9.22 32.92
CA THR A 324 -23.02 -9.66 31.86
C THR A 324 -22.90 -11.18 31.79
N LYS A 325 -23.25 -11.75 30.61
CA LYS A 325 -23.19 -13.19 30.33
C LYS A 325 -21.99 -13.54 29.42
N SER A 326 -21.47 -14.76 29.56
CA SER A 326 -20.38 -15.26 28.73
C SER A 326 -20.98 -15.75 27.41
N LEU A 327 -20.13 -15.87 26.38
CA LEU A 327 -20.54 -16.35 25.05
C LEU A 327 -20.86 -17.86 25.14
N TRP A 328 -20.09 -18.58 25.98
CA TRP A 328 -20.22 -20.02 26.15
C TRP A 328 -21.41 -20.44 27.01
N VAL A 329 -22.23 -19.47 27.44
CA VAL A 329 -23.45 -19.70 28.21
C VAL A 329 -24.67 -19.76 27.26
N ILE A 330 -24.62 -18.96 26.17
CA ILE A 330 -25.69 -18.88 25.16
C ILE A 330 -25.89 -20.24 24.50
N ASN A 331 -27.06 -20.86 24.72
CA ASN A 331 -27.40 -22.15 24.11
C ASN A 331 -28.39 -21.93 22.94
N SER A 332 -27.86 -21.42 21.81
CA SER A 332 -28.59 -21.15 20.56
C SER A 332 -27.65 -20.98 19.33
N ALA A 333 -28.23 -21.14 18.13
CA ALA A 333 -27.54 -20.99 16.87
C ALA A 333 -27.61 -19.53 16.47
N LEU A 334 -26.54 -19.03 15.84
CA LEU A 334 -26.45 -17.66 15.34
C LEU A 334 -27.50 -17.36 14.26
N ARG A 335 -28.08 -16.16 14.39
CA ARG A 335 -29.08 -15.63 13.49
C ARG A 335 -28.93 -14.12 13.43
N ILE A 336 -29.16 -13.54 12.25
CA ILE A 336 -29.07 -12.10 11.98
C ILE A 336 -30.30 -11.75 11.16
N LYS A 337 -30.94 -10.61 11.49
CA LYS A 337 -32.12 -10.19 10.76
C LYS A 337 -31.79 -9.12 9.77
N ILE A 338 -32.25 -9.29 8.51
CA ILE A 338 -32.08 -8.32 7.43
C ILE A 338 -33.39 -7.56 7.34
N LEU A 339 -33.42 -6.28 7.77
CA LEU A 339 -34.67 -5.51 7.75
C LEU A 339 -34.95 -4.96 6.35
N CYS A 340 -34.14 -4.03 5.90
CA CYS A 340 -34.36 -3.39 4.61
C CYS A 340 -33.10 -2.64 4.14
N ALA A 341 -33.14 -2.20 2.88
CA ALA A 341 -32.10 -1.40 2.25
C ALA A 341 -32.76 -0.10 1.79
N THR A 342 -32.01 1.03 1.69
CA THR A 342 -32.62 2.29 1.24
C THR A 342 -32.90 2.19 -0.25
N TYR A 343 -31.85 2.07 -1.06
CA TYR A 343 -31.96 1.98 -2.51
C TYR A 343 -30.76 1.24 -3.11
N VAL A 344 -30.82 0.99 -4.42
CA VAL A 344 -29.79 0.39 -5.26
C VAL A 344 -29.84 1.10 -6.62
N ASN A 345 -28.72 1.18 -7.33
CA ASN A 345 -28.71 1.87 -8.63
C ASN A 345 -28.68 0.85 -9.73
N VAL A 346 -29.88 0.45 -10.14
CA VAL A 346 -30.03 -0.58 -11.15
C VAL A 346 -31.26 -0.34 -12.03
N ASN A 347 -31.16 -0.74 -13.32
CA ASN A 347 -32.25 -0.69 -14.31
C ASN A 347 -33.16 -1.89 -14.10
N ILE A 348 -34.47 -1.63 -14.04
CA ILE A 348 -35.46 -2.69 -13.88
C ILE A 348 -35.63 -3.49 -15.21
N ARG A 349 -35.43 -2.83 -16.37
CA ARG A 349 -35.47 -3.41 -17.71
C ARG A 349 -34.18 -4.21 -18.03
N ASP A 350 -33.49 -4.67 -16.96
CA ASP A 350 -32.25 -5.44 -17.00
C ASP A 350 -32.23 -6.47 -15.89
N ILE A 351 -32.47 -6.06 -14.62
CA ILE A 351 -32.46 -7.04 -13.54
C ILE A 351 -33.87 -7.45 -13.15
N ASP A 352 -33.96 -8.66 -12.57
CA ASP A 352 -35.21 -9.24 -12.12
C ASP A 352 -35.45 -9.02 -10.62
N LYS A 353 -34.54 -9.49 -9.78
CA LYS A 353 -34.67 -9.32 -8.32
C LYS A 353 -33.36 -8.89 -7.66
N ILE A 354 -33.43 -8.50 -6.39
CA ILE A 354 -32.29 -8.10 -5.56
C ILE A 354 -32.37 -8.85 -4.25
N TYR A 355 -31.23 -9.25 -3.72
CA TYR A 355 -31.24 -9.98 -2.46
C TYR A 355 -29.99 -9.69 -1.65
N VAL A 356 -29.96 -10.09 -0.39
CA VAL A 356 -28.79 -9.88 0.44
C VAL A 356 -28.06 -11.22 0.70
N ARG A 357 -26.90 -11.41 0.05
CA ARG A 357 -26.08 -12.59 0.28
C ARG A 357 -25.22 -12.24 1.51
N THR A 358 -25.20 -13.15 2.50
CA THR A 358 -24.49 -12.96 3.76
C THR A 358 -23.59 -14.17 4.04
N GLY A 359 -22.55 -13.98 4.85
CA GLY A 359 -21.63 -15.04 5.20
C GLY A 359 -20.87 -14.77 6.48
N ILE A 360 -20.62 -15.84 7.26
CA ILE A 360 -19.88 -15.73 8.52
C ILE A 360 -18.45 -16.20 8.22
N TYR A 361 -17.48 -15.29 8.35
CA TYR A 361 -16.10 -15.59 7.98
C TYR A 361 -15.09 -15.48 9.07
N HIS A 362 -14.02 -16.27 8.96
CA HIS A 362 -12.83 -16.23 9.80
C HIS A 362 -11.69 -16.01 8.80
N GLY A 363 -11.41 -14.75 8.54
CA GLY A 363 -10.44 -14.31 7.55
C GLY A 363 -11.12 -14.30 6.19
N GLY A 364 -10.77 -15.27 5.36
CA GLY A 364 -11.36 -15.41 4.05
C GLY A 364 -12.13 -16.71 3.91
N GLU A 365 -12.21 -17.50 5.02
CA GLU A 365 -12.88 -18.80 5.05
C GLU A 365 -14.31 -18.75 5.66
N PRO A 366 -15.39 -19.17 4.93
CA PRO A 366 -16.72 -19.22 5.55
C PRO A 366 -16.68 -20.22 6.69
N LEU A 367 -17.22 -19.83 7.87
CA LEU A 367 -17.29 -20.66 9.07
C LEU A 367 -18.46 -21.60 8.90
N CYS A 368 -19.36 -21.24 7.98
CA CYS A 368 -20.57 -21.96 7.63
C CYS A 368 -21.05 -21.52 6.22
N ASP A 369 -21.83 -22.40 5.56
CA ASP A 369 -22.43 -22.18 4.25
C ASP A 369 -23.16 -20.82 4.21
N ASN A 370 -22.89 -20.00 3.19
CA ASN A 370 -23.49 -18.67 3.03
C ASN A 370 -25.00 -18.70 2.90
N VAL A 371 -25.67 -17.72 3.53
CA VAL A 371 -27.13 -17.60 3.61
C VAL A 371 -27.64 -16.36 2.87
N ASN A 372 -28.42 -16.56 1.82
CA ASN A 372 -29.07 -15.48 1.07
C ASN A 372 -30.43 -15.22 1.71
N THR A 373 -31.03 -14.05 1.42
CA THR A 373 -32.38 -13.70 1.86
C THR A 373 -33.29 -14.17 0.73
N GLN A 374 -34.55 -13.71 0.71
CA GLN A 374 -35.46 -14.04 -0.38
C GLN A 374 -35.34 -12.99 -1.46
N ARG A 375 -35.74 -13.33 -2.69
CA ARG A 375 -35.63 -12.39 -3.79
C ARG A 375 -36.78 -11.39 -3.79
N VAL A 376 -36.46 -10.08 -3.64
CA VAL A 376 -37.44 -8.98 -3.62
C VAL A 376 -37.18 -8.01 -4.80
N PRO A 377 -38.17 -7.19 -5.25
CA PRO A 377 -37.89 -6.24 -6.33
C PRO A 377 -37.09 -5.03 -5.82
N CYS A 378 -36.16 -4.53 -6.64
CA CYS A 378 -35.31 -3.37 -6.35
C CYS A 378 -36.08 -2.14 -5.85
N SER A 379 -37.30 -1.97 -6.37
CA SER A 379 -38.23 -0.91 -6.02
C SER A 379 -38.74 -1.06 -4.58
N ASN A 380 -38.76 -2.30 -4.06
CA ASN A 380 -39.21 -2.60 -2.70
C ASN A 380 -38.11 -3.40 -1.95
N PRO A 381 -37.00 -2.74 -1.51
CA PRO A 381 -35.93 -3.48 -0.82
C PRO A 381 -36.18 -3.66 0.68
N ARG A 382 -37.14 -4.56 1.02
CA ARG A 382 -37.55 -4.86 2.40
C ARG A 382 -37.66 -6.36 2.53
N TRP A 383 -36.95 -6.94 3.49
CA TRP A 383 -36.94 -8.38 3.70
C TRP A 383 -37.60 -8.75 5.01
N ASN A 384 -37.12 -8.14 6.13
CA ASN A 384 -37.55 -8.32 7.53
C ASN A 384 -37.55 -9.82 7.88
N GLU A 385 -36.48 -10.48 7.40
CA GLU A 385 -36.18 -11.91 7.43
C GLU A 385 -35.06 -12.24 8.40
N TRP A 386 -35.25 -13.33 9.18
CA TRP A 386 -34.24 -13.83 10.11
C TRP A 386 -33.36 -14.89 9.37
N LEU A 387 -32.05 -14.61 9.19
CA LEU A 387 -31.16 -15.57 8.53
C LEU A 387 -30.54 -16.49 9.59
N ASN A 388 -30.68 -17.81 9.38
CA ASN A 388 -30.20 -18.84 10.28
C ASN A 388 -28.90 -19.46 9.78
N TYR A 389 -27.89 -19.45 10.66
CA TYR A 389 -26.56 -19.96 10.35
C TYR A 389 -26.27 -21.26 11.09
N ASP A 390 -25.66 -22.24 10.37
CA ASP A 390 -25.28 -23.51 10.95
C ASP A 390 -23.97 -23.32 11.75
N ILE A 391 -24.13 -22.56 12.83
CA ILE A 391 -23.09 -22.23 13.79
C ILE A 391 -23.75 -22.03 15.15
N TYR A 392 -23.29 -22.80 16.12
CA TYR A 392 -23.71 -22.73 17.50
C TYR A 392 -22.96 -21.49 18.04
N ILE A 393 -23.68 -20.52 18.63
CA ILE A 393 -23.10 -19.25 19.11
C ILE A 393 -21.83 -19.46 20.01
N PRO A 394 -21.74 -20.42 20.98
CA PRO A 394 -20.48 -20.55 21.75
C PRO A 394 -19.26 -20.87 20.88
N ASP A 395 -19.49 -21.56 19.74
CA ASP A 395 -18.46 -21.97 18.76
C ASP A 395 -17.91 -20.80 17.91
N LEU A 396 -18.56 -19.60 17.95
CA LEU A 396 -18.10 -18.41 17.22
C LEU A 396 -16.73 -17.96 17.72
N PRO A 397 -15.69 -18.00 16.84
CA PRO A 397 -14.37 -17.58 17.29
C PRO A 397 -14.27 -16.06 17.32
N ARG A 398 -13.36 -15.54 18.14
CA ARG A 398 -13.11 -14.11 18.38
C ARG A 398 -13.15 -13.24 17.09
N ALA A 399 -12.44 -13.66 16.02
CA ALA A 399 -12.38 -12.90 14.79
C ALA A 399 -13.57 -13.11 13.82
N ALA A 400 -14.66 -13.78 14.28
CA ALA A 400 -15.84 -14.02 13.47
C ALA A 400 -16.40 -12.71 12.93
N ARG A 401 -16.66 -12.66 11.60
CA ARG A 401 -17.23 -11.50 10.91
C ARG A 401 -18.49 -11.87 10.12
N LEU A 402 -19.27 -10.85 9.74
CA LEU A 402 -20.45 -10.97 8.89
C LEU A 402 -20.14 -10.20 7.59
N CYS A 403 -19.90 -10.93 6.52
CA CYS A 403 -19.66 -10.35 5.20
C CYS A 403 -20.98 -10.40 4.47
N LEU A 404 -21.37 -9.29 3.87
CA LEU A 404 -22.63 -9.23 3.16
C LEU A 404 -22.59 -8.28 1.99
N SER A 405 -23.53 -8.46 1.05
CA SER A 405 -23.62 -7.65 -0.15
C SER A 405 -25.05 -7.67 -0.69
N ILE A 406 -25.42 -6.69 -1.53
CA ILE A 406 -26.73 -6.69 -2.18
C ILE A 406 -26.41 -7.05 -3.62
N CYS A 407 -26.87 -8.22 -4.10
CA CYS A 407 -26.62 -8.66 -5.48
C CYS A 407 -27.87 -8.51 -6.35
N SER A 408 -27.67 -8.57 -7.67
CA SER A 408 -28.71 -8.46 -8.67
C SER A 408 -28.81 -9.79 -9.41
N VAL A 409 -29.92 -10.48 -9.24
CA VAL A 409 -30.11 -11.74 -9.94
C VAL A 409 -31.05 -11.53 -11.14
N LYS A 410 -30.67 -12.11 -12.30
CA LYS A 410 -31.44 -12.05 -13.54
C LYS A 410 -31.15 -13.27 -14.40
N GLY A 411 -32.19 -14.07 -14.63
CA GLY A 411 -32.10 -15.29 -15.44
C GLY A 411 -32.90 -15.23 -16.73
N ARG A 412 -32.65 -14.16 -17.54
CA ARG A 412 -33.31 -13.86 -18.83
C ARG A 412 -32.91 -14.78 -20.00
N LYS A 413 -31.66 -15.32 -19.96
CA LYS A 413 -31.13 -16.22 -20.98
C LYS A 413 -30.69 -17.52 -20.31
N GLY A 414 -31.27 -18.64 -20.75
CA GLY A 414 -30.95 -19.98 -20.23
C GLY A 414 -31.41 -20.27 -18.82
N ALA A 415 -31.00 -21.45 -18.30
CA ALA A 415 -31.32 -21.92 -16.95
C ALA A 415 -30.45 -21.20 -15.92
N LYS A 416 -29.26 -20.75 -16.38
CA LYS A 416 -28.25 -20.04 -15.58
C LYS A 416 -28.65 -18.58 -15.39
N GLU A 417 -28.69 -18.17 -14.10
CA GLU A 417 -29.02 -16.82 -13.65
C GLU A 417 -27.68 -16.07 -13.43
N GLU A 418 -27.63 -14.77 -13.76
CA GLU A 418 -26.42 -13.95 -13.62
C GLU A 418 -26.53 -13.07 -12.38
N HIS A 419 -25.69 -13.38 -11.38
CA HIS A 419 -25.61 -12.67 -10.11
C HIS A 419 -24.48 -11.64 -10.20
N CYS A 420 -24.75 -10.39 -9.82
CA CYS A 420 -23.78 -9.30 -9.87
C CYS A 420 -23.90 -8.49 -8.59
N PRO A 421 -22.80 -8.36 -7.79
CA PRO A 421 -22.90 -7.57 -6.56
C PRO A 421 -23.04 -6.08 -6.85
N LEU A 422 -23.92 -5.41 -6.09
CA LEU A 422 -24.23 -3.98 -6.27
C LEU A 422 -23.52 -3.09 -5.24
N ALA A 423 -23.39 -3.59 -4.00
CA ALA A 423 -22.72 -2.94 -2.88
C ALA A 423 -22.47 -3.97 -1.77
N TRP A 424 -21.37 -3.81 -1.01
CA TRP A 424 -20.94 -4.71 0.07
C TRP A 424 -20.62 -3.91 1.36
N GLY A 425 -20.37 -4.64 2.44
CA GLY A 425 -19.98 -4.13 3.76
C GLY A 425 -19.72 -5.32 4.68
N ASN A 426 -18.87 -5.15 5.67
CA ASN A 426 -18.52 -6.20 6.64
C ASN A 426 -18.58 -5.65 8.06
N ILE A 427 -19.07 -6.45 9.01
CA ILE A 427 -19.23 -6.07 10.42
C ILE A 427 -18.49 -7.11 11.26
N ASN A 428 -17.82 -6.67 12.36
CA ASN A 428 -17.16 -7.60 13.28
C ASN A 428 -18.23 -8.05 14.28
N LEU A 429 -18.45 -9.37 14.38
CA LEU A 429 -19.45 -9.94 15.29
C LEU A 429 -19.19 -9.57 16.75
N PHE A 430 -17.97 -9.15 17.07
CA PHE A 430 -17.55 -8.68 18.38
C PHE A 430 -16.92 -7.27 18.26
N ASP A 431 -17.36 -6.32 19.11
CA ASP A 431 -16.84 -4.96 19.10
C ASP A 431 -15.41 -4.92 19.60
N TYR A 432 -14.78 -3.74 19.65
CA TYR A 432 -13.38 -3.62 20.09
C TYR A 432 -13.11 -4.02 21.57
N THR A 433 -14.17 -4.30 22.33
CA THR A 433 -14.16 -4.61 23.76
C THR A 433 -14.77 -5.98 24.06
N ASP A 434 -14.52 -6.96 23.15
CA ASP A 434 -14.98 -8.35 23.23
C ASP A 434 -16.48 -8.51 23.42
N THR A 435 -17.28 -7.45 23.15
CA THR A 435 -18.73 -7.52 23.29
C THR A 435 -19.32 -8.10 22.02
N LEU A 436 -20.19 -9.10 22.14
CA LEU A 436 -20.91 -9.62 20.97
C LEU A 436 -21.88 -8.51 20.51
N VAL A 437 -22.08 -8.36 19.21
CA VAL A 437 -22.96 -7.29 18.73
C VAL A 437 -24.46 -7.62 18.95
N SER A 438 -25.24 -6.61 19.40
CA SER A 438 -26.69 -6.76 19.67
C SER A 438 -27.57 -5.60 19.20
N GLY A 439 -28.83 -5.92 18.88
CA GLY A 439 -29.82 -4.94 18.48
C GLY A 439 -29.67 -4.41 17.07
N LYS A 440 -30.49 -3.40 16.71
CA LYS A 440 -30.49 -2.77 15.37
C LYS A 440 -29.15 -2.09 15.01
N MET A 441 -28.88 -1.98 13.68
CA MET A 441 -27.66 -1.41 13.10
C MET A 441 -27.91 -0.87 11.68
N ALA A 442 -27.36 0.31 11.39
CA ALA A 442 -27.48 0.94 10.08
C ALA A 442 -26.10 0.87 9.44
N LEU A 443 -26.02 0.28 8.23
CA LEU A 443 -24.76 0.07 7.54
C LEU A 443 -24.74 0.67 6.15
N ASN A 444 -23.89 1.69 5.95
CA ASN A 444 -23.72 2.31 4.64
C ASN A 444 -22.73 1.45 3.85
N LEU A 445 -23.18 0.95 2.70
CA LEU A 445 -22.43 0.01 1.88
C LEU A 445 -21.47 0.67 0.86
N TRP A 446 -20.37 -0.03 0.57
CA TRP A 446 -19.29 0.40 -0.31
C TRP A 446 -19.50 -0.01 -1.75
N PRO A 447 -18.90 0.75 -2.72
CA PRO A 447 -18.89 0.29 -4.13
C PRO A 447 -18.07 -0.99 -4.34
N VAL A 448 -18.40 -1.79 -5.37
CA VAL A 448 -17.65 -3.02 -5.65
C VAL A 448 -16.26 -2.65 -6.21
N PRO A 449 -15.21 -3.14 -5.53
CA PRO A 449 -13.85 -2.83 -6.01
C PRO A 449 -13.64 -3.42 -7.40
N HIS A 450 -13.28 -2.57 -8.38
CA HIS A 450 -13.05 -2.93 -9.77
C HIS A 450 -12.34 -4.23 -9.90
N GLY A 451 -12.78 -5.06 -10.83
CA GLY A 451 -12.17 -6.37 -11.06
C GLY A 451 -12.68 -7.48 -10.15
N LEU A 452 -13.27 -7.16 -8.98
CA LEU A 452 -13.84 -8.16 -8.06
C LEU A 452 -15.11 -8.66 -8.69
N GLU A 453 -15.18 -9.97 -8.90
CA GLU A 453 -16.36 -10.59 -9.51
C GLU A 453 -17.22 -11.34 -8.48
N ASP A 454 -16.57 -11.84 -7.41
CA ASP A 454 -17.19 -12.58 -6.30
C ASP A 454 -18.29 -11.77 -5.67
N LEU A 455 -19.34 -12.47 -5.24
CA LEU A 455 -20.51 -11.86 -4.63
C LEU A 455 -20.23 -11.28 -3.25
N LEU A 456 -19.22 -11.80 -2.53
CA LEU A 456 -18.85 -11.27 -1.21
C LEU A 456 -17.41 -10.80 -1.19
N ASN A 457 -17.09 -9.77 -0.36
CA ASN A 457 -15.75 -9.22 -0.26
C ASN A 457 -15.14 -9.43 1.13
N PRO A 458 -14.75 -10.66 1.52
CA PRO A 458 -14.19 -10.84 2.87
C PRO A 458 -12.86 -10.12 3.13
N ILE A 459 -12.05 -9.77 2.09
CA ILE A 459 -10.81 -9.00 2.33
C ILE A 459 -11.12 -7.55 2.67
N GLY A 460 -12.36 -7.16 2.43
CA GLY A 460 -12.83 -5.81 2.67
C GLY A 460 -12.74 -5.33 4.10
N VAL A 461 -12.63 -4.01 4.24
CA VAL A 461 -12.55 -3.28 5.51
C VAL A 461 -13.84 -3.50 6.25
N THR A 462 -13.81 -3.43 7.58
CA THR A 462 -15.04 -3.56 8.37
C THR A 462 -15.57 -2.15 8.57
N GLY A 463 -16.84 -2.02 8.90
CA GLY A 463 -17.44 -0.72 9.17
C GLY A 463 -18.22 -0.08 8.05
N SER A 464 -19.05 0.91 8.42
CA SER A 464 -19.94 1.65 7.52
C SER A 464 -19.18 2.62 6.65
N ASN A 465 -19.69 2.80 5.42
CA ASN A 465 -19.13 3.73 4.46
C ASN A 465 -19.35 5.11 5.06
N PRO A 466 -18.28 5.89 5.28
CA PRO A 466 -18.46 7.23 5.87
C PRO A 466 -19.36 8.16 5.04
N ASN A 467 -19.44 7.94 3.70
CA ASN A 467 -20.31 8.72 2.82
C ASN A 467 -21.70 8.18 2.99
N LYS A 468 -22.61 9.03 3.47
CA LYS A 468 -23.96 8.59 3.75
C LYS A 468 -24.91 8.70 2.55
N GLU A 469 -24.37 9.07 1.35
CA GLU A 469 -25.12 9.16 0.09
C GLU A 469 -24.85 7.88 -0.71
N THR A 470 -25.02 6.73 -0.02
CA THR A 470 -24.78 5.36 -0.45
C THR A 470 -25.87 4.45 0.11
N PRO A 471 -26.20 3.30 -0.54
CA PRO A 471 -27.22 2.38 0.03
C PRO A 471 -27.06 2.02 1.51
N CYS A 472 -28.08 2.33 2.33
CA CYS A 472 -28.00 1.95 3.74
C CYS A 472 -28.78 0.66 3.95
N LEU A 473 -28.24 -0.24 4.79
CA LEU A 473 -28.90 -1.51 5.10
C LEU A 473 -29.17 -1.56 6.60
N GLU A 474 -30.41 -1.93 6.96
CA GLU A 474 -30.88 -2.02 8.33
C GLU A 474 -30.79 -3.46 8.81
N LEU A 475 -29.99 -3.69 9.84
CA LEU A 475 -29.76 -5.02 10.40
C LEU A 475 -30.25 -5.10 11.82
N GLU A 476 -30.61 -6.30 12.24
CA GLU A 476 -31.08 -6.55 13.59
C GLU A 476 -30.36 -7.76 14.17
N PHE A 477 -29.54 -7.51 15.19
CA PHE A 477 -28.80 -8.52 15.94
C PHE A 477 -29.62 -8.92 17.16
N ASP A 478 -29.52 -10.20 17.52
CA ASP A 478 -30.27 -10.76 18.63
C ASP A 478 -29.83 -10.19 20.00
N TRP A 479 -30.80 -10.21 20.94
CA TRP A 479 -30.71 -9.76 22.33
C TRP A 479 -30.81 -10.98 23.27
N PHE A 480 -29.94 -11.03 24.27
CA PHE A 480 -29.93 -12.17 25.21
C PHE A 480 -30.14 -11.76 26.68
N SER A 481 -31.13 -10.85 26.94
CA SER A 481 -31.52 -10.31 28.26
C SER A 481 -30.36 -9.64 29.04
N SER A 482 -29.12 -9.68 28.47
CA SER A 482 -27.88 -9.12 29.03
C SER A 482 -26.82 -8.85 27.93
N VAL A 483 -25.66 -8.28 28.34
CA VAL A 483 -24.53 -7.97 27.48
C VAL A 483 -23.72 -9.27 27.30
N VAL A 484 -23.61 -9.78 26.05
CA VAL A 484 -22.83 -10.99 25.76
C VAL A 484 -21.39 -10.59 25.47
N LYS A 485 -20.44 -11.29 26.10
CA LYS A 485 -19.00 -11.03 25.98
C LYS A 485 -18.19 -12.30 25.71
N PHE A 486 -17.06 -12.15 25.00
CA PHE A 486 -16.23 -13.30 24.70
C PHE A 486 -15.49 -13.76 25.98
N PRO A 487 -15.43 -15.08 26.27
CA PRO A 487 -14.76 -15.56 27.51
C PRO A 487 -13.33 -15.07 27.73
N ASP A 488 -12.92 -15.04 28.99
CA ASP A 488 -11.58 -14.62 29.39
C ASP A 488 -10.60 -15.75 29.11
N MET A 489 -9.32 -15.43 28.88
CA MET A 489 -8.26 -16.39 28.60
C MET A 489 -8.19 -17.55 29.64
N SER A 490 -8.56 -17.30 30.92
CA SER A 490 -8.56 -18.31 31.99
C SER A 490 -9.64 -19.38 31.76
N VAL A 491 -10.84 -18.94 31.27
CA VAL A 491 -12.01 -19.79 30.96
C VAL A 491 -11.71 -20.69 29.77
N ILE A 492 -11.11 -20.12 28.70
CA ILE A 492 -10.71 -20.80 27.46
C ILE A 492 -9.56 -21.77 27.75
N GLU A 493 -8.62 -21.37 28.64
CA GLU A 493 -7.50 -22.21 29.07
C GLU A 493 -8.03 -23.48 29.73
N GLU A 494 -8.98 -23.32 30.69
CA GLU A 494 -9.67 -24.40 31.41
C GLU A 494 -10.31 -25.40 30.45
N HIS A 495 -11.11 -24.92 29.48
CA HIS A 495 -11.79 -25.73 28.47
C HIS A 495 -10.81 -26.62 27.69
N ALA A 496 -9.61 -26.11 27.38
CA ALA A 496 -8.57 -26.84 26.64
C ALA A 496 -8.06 -28.07 27.40
N ASN A 497 -7.97 -27.99 28.76
CA ASN A 497 -7.57 -29.10 29.62
C ASN A 497 -8.74 -30.07 29.74
N TRP A 498 -9.98 -29.55 29.65
CA TRP A 498 -11.16 -30.40 29.69
C TRP A 498 -11.28 -31.22 28.39
N SER A 499 -11.03 -30.56 27.23
CA SER A 499 -11.10 -31.15 25.89
C SER A 499 -10.14 -32.34 25.67
N VAL A 500 -9.02 -32.39 26.42
CA VAL A 500 -8.06 -33.50 26.33
C VAL A 500 -8.45 -34.66 27.28
N ARG A 524 6.30 -42.28 15.27
CA ARG A 524 6.90 -43.04 14.18
C ARG A 524 7.88 -42.18 13.38
N GLU A 525 8.94 -42.80 12.82
CA GLU A 525 9.96 -42.09 12.04
C GLU A 525 9.44 -41.64 10.67
N ASN A 526 8.43 -42.35 10.12
CA ASN A 526 7.77 -42.03 8.84
C ASN A 526 6.85 -40.81 9.04
N ASP A 527 6.30 -40.63 10.26
CA ASP A 527 5.45 -39.51 10.65
C ASP A 527 6.30 -38.27 10.87
N LYS A 528 7.51 -38.44 11.42
CA LYS A 528 8.47 -37.37 11.66
C LYS A 528 8.90 -36.76 10.32
N GLU A 529 9.03 -37.59 9.28
CA GLU A 529 9.41 -37.18 7.91
C GLU A 529 8.28 -36.41 7.19
N GLN A 530 7.02 -36.87 7.33
CA GLN A 530 5.82 -36.27 6.73
C GLN A 530 5.58 -34.89 7.32
N LEU A 531 5.81 -34.72 8.64
CA LEU A 531 5.62 -33.45 9.33
C LEU A 531 6.63 -32.44 8.88
N LYS A 532 7.88 -32.88 8.63
CA LYS A 532 8.95 -32.02 8.12
C LYS A 532 8.58 -31.58 6.69
N ALA A 533 8.01 -32.53 5.90
CA ALA A 533 7.58 -32.33 4.52
C ALA A 533 6.53 -31.25 4.40
N ILE A 534 5.49 -31.29 5.25
CA ILE A 534 4.41 -30.31 5.25
C ILE A 534 4.95 -28.92 5.57
N SER A 535 5.69 -28.78 6.68
CA SER A 535 6.29 -27.54 7.19
C SER A 535 7.12 -26.76 6.18
N THR A 536 7.71 -27.46 5.18
CA THR A 536 8.59 -26.84 4.17
C THR A 536 7.85 -26.38 2.89
N ARG A 537 6.62 -26.89 2.67
CA ARG A 537 5.78 -26.54 1.51
C ARG A 537 5.36 -25.08 1.56
N ASP A 538 5.19 -24.45 0.39
CA ASP A 538 4.83 -23.02 0.27
C ASP A 538 3.49 -22.66 0.98
N PRO A 539 3.24 -21.37 1.33
CA PRO A 539 2.01 -21.02 2.06
C PRO A 539 0.72 -21.21 1.29
N LEU A 540 0.80 -21.39 -0.02
CA LEU A 540 -0.41 -21.53 -0.83
C LEU A 540 -0.69 -22.94 -1.36
N SER A 541 0.16 -23.94 -1.02
CA SER A 541 -0.04 -25.30 -1.52
C SER A 541 -1.14 -26.02 -0.77
N GLU A 542 -1.79 -26.93 -1.49
CA GLU A 542 -2.87 -27.79 -1.02
C GLU A 542 -2.52 -28.52 0.28
N ILE A 543 -3.52 -28.61 1.18
CA ILE A 543 -3.49 -29.42 2.38
C ILE A 543 -4.71 -30.30 2.22
N THR A 544 -4.52 -31.63 2.24
CA THR A 544 -5.64 -32.57 2.11
C THR A 544 -6.28 -32.72 3.46
N GLU A 545 -7.57 -33.10 3.47
CA GLU A 545 -8.31 -33.30 4.72
C GLU A 545 -7.57 -34.34 5.57
N GLN A 546 -6.87 -35.29 4.91
CA GLN A 546 -6.04 -36.32 5.51
C GLN A 546 -4.78 -35.71 6.17
N GLU A 547 -4.21 -34.66 5.54
CA GLU A 547 -3.03 -33.95 6.04
C GLU A 547 -3.44 -32.98 7.13
N LYS A 548 -4.71 -32.54 7.13
CA LYS A 548 -5.22 -31.63 8.16
C LYS A 548 -5.45 -32.43 9.42
N ASP A 549 -6.16 -33.59 9.30
CA ASP A 549 -6.43 -34.54 10.38
C ASP A 549 -5.12 -35.07 10.97
N PHE A 550 -4.08 -35.27 10.13
CA PHE A 550 -2.75 -35.73 10.56
C PHE A 550 -2.09 -34.69 11.42
N LEU A 551 -2.02 -33.42 10.93
CA LEU A 551 -1.44 -32.27 11.60
C LEU A 551 -2.14 -31.94 12.90
N TRP A 552 -3.48 -32.01 12.90
CA TRP A 552 -4.26 -31.74 14.09
C TRP A 552 -4.09 -32.83 15.14
N SER A 553 -4.09 -34.11 14.71
CA SER A 553 -3.90 -35.29 15.58
C SER A 553 -2.50 -35.31 16.21
N HIS A 554 -1.51 -34.68 15.52
CA HIS A 554 -0.12 -34.60 15.98
C HIS A 554 0.25 -33.19 16.42
N ARG A 555 -0.74 -32.39 16.88
CA ARG A 555 -0.60 -30.99 17.32
C ARG A 555 0.47 -30.75 18.38
N HIS A 556 0.56 -31.67 19.34
CA HIS A 556 1.51 -31.56 20.42
C HIS A 556 2.96 -31.82 19.99
N TYR A 557 3.21 -32.75 19.03
CA TYR A 557 4.58 -32.99 18.56
C TYR A 557 5.13 -31.79 17.78
N CYS A 558 4.25 -31.06 17.06
CA CYS A 558 4.56 -29.92 16.20
C CYS A 558 5.58 -28.96 16.77
N VAL A 559 5.46 -28.67 18.07
CA VAL A 559 6.29 -27.75 18.86
C VAL A 559 7.83 -27.95 18.61
N THR A 560 8.27 -29.17 18.21
CA THR A 560 9.68 -29.47 17.89
C THR A 560 10.12 -28.65 16.66
N ILE A 561 9.31 -28.71 15.57
CA ILE A 561 9.44 -28.00 14.28
C ILE A 561 8.45 -26.80 14.31
N PRO A 562 8.87 -25.62 14.83
CA PRO A 562 7.92 -24.52 15.01
C PRO A 562 7.45 -23.86 13.72
N GLU A 563 8.24 -24.01 12.65
CA GLU A 563 7.97 -23.48 11.31
C GLU A 563 6.68 -24.06 10.66
N ILE A 564 5.98 -24.97 11.35
CA ILE A 564 4.76 -25.62 10.86
C ILE A 564 3.47 -24.92 11.33
N LEU A 565 3.60 -23.98 12.29
CA LEU A 565 2.44 -23.29 12.88
C LEU A 565 1.36 -22.85 11.84
N PRO A 566 1.68 -22.25 10.66
CA PRO A 566 0.62 -21.84 9.73
C PRO A 566 -0.19 -22.96 9.13
N LYS A 567 0.46 -24.08 8.73
CA LYS A 567 -0.22 -25.23 8.14
C LYS A 567 -1.13 -25.87 9.20
N LEU A 568 -0.61 -25.98 10.45
CA LEU A 568 -1.35 -26.52 11.59
C LEU A 568 -2.54 -25.62 11.93
N LEU A 569 -2.35 -24.29 11.87
CA LEU A 569 -3.40 -23.31 12.12
C LEU A 569 -4.53 -23.42 11.09
N LEU A 570 -4.20 -23.88 9.86
CA LEU A 570 -5.16 -24.11 8.79
C LEU A 570 -5.85 -25.45 9.00
N SER A 571 -5.28 -26.33 9.86
CA SER A 571 -5.85 -27.65 10.21
C SER A 571 -6.89 -27.58 11.36
N VAL A 572 -6.96 -26.43 12.06
CA VAL A 572 -7.89 -26.18 13.17
C VAL A 572 -9.29 -25.93 12.58
N LYS A 573 -10.34 -26.35 13.31
CA LYS A 573 -11.74 -26.08 12.95
C LYS A 573 -12.08 -24.83 13.77
N TRP A 574 -12.20 -23.67 13.11
CA TRP A 574 -12.49 -22.44 13.84
C TRP A 574 -14.00 -22.35 14.19
N ASN A 575 -14.85 -23.16 13.50
CA ASN A 575 -16.29 -23.29 13.78
C ASN A 575 -16.57 -24.25 14.97
N SER A 576 -15.52 -24.47 15.83
CA SER A 576 -15.45 -25.34 16.99
C SER A 576 -14.62 -24.68 18.12
N ARG A 577 -15.27 -24.44 19.28
CA ARG A 577 -14.60 -23.83 20.43
C ARG A 577 -13.59 -24.75 21.11
N ASP A 578 -13.81 -26.08 21.01
CA ASP A 578 -12.98 -27.13 21.61
C ASP A 578 -11.57 -27.19 21.03
N GLU A 579 -11.45 -27.14 19.69
CA GLU A 579 -10.17 -27.15 18.97
C GLU A 579 -9.45 -25.81 19.08
N VAL A 580 -10.18 -24.67 19.02
CA VAL A 580 -9.62 -23.31 19.14
C VAL A 580 -9.01 -23.10 20.53
N ALA A 581 -9.71 -23.58 21.58
CA ALA A 581 -9.28 -23.52 22.98
C ALA A 581 -7.93 -24.20 23.18
N GLN A 582 -7.78 -25.40 22.58
CA GLN A 582 -6.56 -26.19 22.63
C GLN A 582 -5.45 -25.48 21.87
N MET A 583 -5.82 -24.84 20.75
CA MET A 583 -4.90 -24.11 19.86
C MET A 583 -4.26 -22.91 20.57
N TYR A 584 -5.06 -22.21 21.43
CA TYR A 584 -4.65 -21.05 22.20
C TYR A 584 -3.56 -21.40 23.21
N CYS A 585 -3.70 -22.55 23.87
CA CYS A 585 -2.74 -23.01 24.87
C CYS A 585 -1.41 -23.40 24.23
N LEU A 586 -1.47 -23.92 22.98
CA LEU A 586 -0.30 -24.33 22.21
C LEU A 586 0.45 -23.14 21.67
N VAL A 587 -0.26 -22.13 21.19
CA VAL A 587 0.37 -20.91 20.67
C VAL A 587 0.94 -20.08 21.84
N LYS A 588 0.25 -20.07 23.02
CA LYS A 588 0.70 -19.38 24.24
C LYS A 588 2.18 -19.71 24.49
N ASP A 589 2.52 -21.02 24.52
CA ASP A 589 3.87 -21.51 24.75
C ASP A 589 4.46 -22.08 23.45
N TRP A 590 4.29 -21.34 22.33
CA TRP A 590 4.86 -21.74 21.04
C TRP A 590 6.22 -21.10 20.86
N PRO A 591 7.26 -21.88 20.48
CA PRO A 591 8.58 -21.26 20.24
C PRO A 591 8.51 -20.20 19.14
N PRO A 592 9.26 -19.09 19.23
CA PRO A 592 9.17 -18.09 18.15
C PRO A 592 9.76 -18.62 16.84
N ILE A 593 9.21 -18.14 15.73
CA ILE A 593 9.62 -18.48 14.38
C ILE A 593 10.32 -17.25 13.79
N LYS A 594 11.03 -17.40 12.65
CA LYS A 594 11.73 -16.31 11.97
C LYS A 594 10.72 -15.23 11.55
N PRO A 595 11.07 -13.91 11.55
CA PRO A 595 10.12 -12.85 11.14
C PRO A 595 9.49 -13.04 9.74
N GLU A 596 10.31 -13.48 8.76
CA GLU A 596 9.93 -13.82 7.37
C GLU A 596 8.79 -14.87 7.35
N GLN A 597 8.65 -15.66 8.44
CA GLN A 597 7.65 -16.70 8.62
C GLN A 597 6.51 -16.13 9.43
N ALA A 598 6.83 -15.27 10.43
CA ALA A 598 5.84 -14.61 11.31
C ALA A 598 4.89 -13.71 10.52
N MET A 599 5.42 -12.99 9.51
CA MET A 599 4.65 -12.09 8.65
C MET A 599 3.45 -12.78 7.97
N GLU A 600 3.61 -14.08 7.61
CA GLU A 600 2.56 -14.92 7.01
C GLU A 600 1.35 -14.95 7.95
N LEU A 601 1.59 -14.94 9.27
CA LEU A 601 0.53 -14.97 10.27
C LEU A 601 -0.16 -13.62 10.46
N LEU A 602 0.26 -12.60 9.69
CA LEU A 602 -0.36 -11.26 9.69
C LEU A 602 -1.20 -10.96 8.45
N ASP A 603 -1.30 -11.91 7.48
CA ASP A 603 -2.10 -11.67 6.27
C ASP A 603 -3.62 -11.88 6.51
N CYS A 604 -4.43 -11.78 5.46
CA CYS A 604 -5.88 -11.91 5.49
C CYS A 604 -6.39 -13.31 5.84
N ASN A 605 -5.49 -14.32 5.93
CA ASN A 605 -5.87 -15.71 6.26
C ASN A 605 -5.81 -16.07 7.77
N TYR A 606 -5.15 -15.23 8.58
CA TYR A 606 -4.98 -15.48 10.02
C TYR A 606 -5.54 -14.30 10.84
N PRO A 607 -6.88 -14.25 11.03
CA PRO A 607 -7.48 -13.13 11.77
C PRO A 607 -7.51 -13.24 13.32
N ASP A 608 -7.16 -14.41 13.89
CA ASP A 608 -7.19 -14.60 15.33
C ASP A 608 -6.22 -13.71 16.09
N PRO A 609 -6.72 -12.95 17.11
CA PRO A 609 -5.85 -12.04 17.89
C PRO A 609 -4.68 -12.71 18.60
N MET A 610 -4.88 -13.99 19.06
CA MET A 610 -3.83 -14.74 19.74
C MET A 610 -2.76 -15.15 18.73
N VAL A 611 -3.18 -15.48 17.48
CA VAL A 611 -2.26 -15.82 16.38
C VAL A 611 -1.42 -14.60 15.98
N ARG A 612 -2.10 -13.49 15.67
CA ARG A 612 -1.46 -12.23 15.29
C ARG A 612 -0.55 -11.67 16.41
N GLY A 613 -0.93 -11.93 17.67
CA GLY A 613 -0.18 -11.52 18.86
C GLY A 613 1.15 -12.24 18.95
N PHE A 614 1.12 -13.57 18.66
CA PHE A 614 2.32 -14.41 18.60
C PHE A 614 3.26 -13.83 17.55
N ALA A 615 2.68 -13.51 16.35
CA ALA A 615 3.34 -12.95 15.17
C ALA A 615 4.06 -11.67 15.48
N VAL A 616 3.39 -10.75 16.20
CA VAL A 616 3.96 -9.47 16.60
C VAL A 616 5.17 -9.66 17.56
N ARG A 617 5.04 -10.62 18.50
CA ARG A 617 6.09 -10.91 19.47
C ARG A 617 7.37 -11.47 18.82
N CYS A 618 7.25 -12.23 17.70
CA CYS A 618 8.41 -12.76 16.98
C CYS A 618 9.18 -11.56 16.42
N LEU A 619 8.44 -10.62 15.79
CA LEU A 619 8.96 -9.38 15.19
C LEU A 619 9.58 -8.46 16.24
N GLU A 620 8.97 -8.41 17.43
CA GLU A 620 9.46 -7.56 18.52
C GLU A 620 10.85 -8.00 18.97
N LYS A 621 11.01 -9.33 19.08
CA LYS A 621 12.20 -10.02 19.55
C LYS A 621 13.30 -10.22 18.50
N TYR A 622 12.91 -10.64 17.27
CA TYR A 622 13.83 -11.02 16.21
C TYR A 622 13.86 -10.14 14.95
N LEU A 623 12.85 -9.28 14.69
CA LEU A 623 12.90 -8.48 13.45
C LEU A 623 13.81 -7.26 13.56
N THR A 624 14.89 -7.25 12.77
CA THR A 624 15.85 -6.14 12.72
C THR A 624 15.21 -4.89 12.12
N ASP A 625 15.80 -3.72 12.35
CA ASP A 625 15.32 -2.45 11.80
C ASP A 625 15.56 -2.43 10.29
N ASP A 626 16.55 -3.21 9.82
CA ASP A 626 16.88 -3.34 8.40
C ASP A 626 15.72 -4.04 7.70
N LYS A 627 15.30 -5.19 8.25
CA LYS A 627 14.22 -6.00 7.70
C LYS A 627 12.88 -5.29 7.80
N LEU A 628 12.67 -4.51 8.88
CA LEU A 628 11.46 -3.71 9.06
C LEU A 628 11.40 -2.65 7.97
N SER A 629 12.52 -1.95 7.73
CA SER A 629 12.57 -0.95 6.67
C SER A 629 12.33 -1.63 5.31
N GLN A 630 12.86 -2.84 5.14
CA GLN A 630 12.76 -3.64 3.93
C GLN A 630 11.32 -4.06 3.62
N TYR A 631 10.57 -4.56 4.63
CA TYR A 631 9.19 -5.04 4.45
C TYR A 631 8.16 -4.06 5.02
N LEU A 632 8.47 -2.74 5.05
CA LEU A 632 7.54 -1.74 5.61
C LEU A 632 6.21 -1.60 4.80
N ILE A 633 6.30 -1.66 3.43
CA ILE A 633 5.17 -1.55 2.52
C ILE A 633 4.10 -2.55 2.97
N GLN A 634 4.50 -3.83 3.14
CA GLN A 634 3.62 -4.92 3.56
C GLN A 634 3.10 -4.75 4.96
N LEU A 635 3.97 -4.35 5.91
CA LEU A 635 3.61 -4.17 7.32
C LEU A 635 2.58 -3.06 7.50
N VAL A 636 2.74 -1.95 6.76
CA VAL A 636 1.74 -0.88 6.76
C VAL A 636 0.41 -1.44 6.15
N GLN A 637 0.53 -2.11 4.99
CA GLN A 637 -0.58 -2.72 4.26
C GLN A 637 -1.44 -3.66 5.09
N VAL A 638 -0.84 -4.53 5.95
CA VAL A 638 -1.60 -5.52 6.75
C VAL A 638 -2.40 -4.87 7.92
N LEU A 639 -2.16 -3.56 8.24
CA LEU A 639 -2.90 -2.85 9.27
C LEU A 639 -4.34 -2.78 8.80
N LYS A 640 -4.57 -2.84 7.47
CA LYS A 640 -5.90 -2.83 6.86
C LYS A 640 -6.69 -4.07 7.22
N TYR A 641 -6.03 -5.26 7.29
CA TYR A 641 -6.71 -6.52 7.63
C TYR A 641 -7.11 -6.62 9.12
N GLU A 642 -6.46 -5.85 10.02
CA GLU A 642 -6.75 -5.85 11.45
C GLU A 642 -8.19 -5.38 11.78
N GLN A 643 -8.93 -6.18 12.58
CA GLN A 643 -10.33 -5.97 13.01
C GLN A 643 -10.55 -4.63 13.67
N TYR A 644 -9.63 -4.26 14.58
CA TYR A 644 -9.77 -3.07 15.38
C TYR A 644 -8.62 -2.13 15.20
N LEU A 645 -8.88 -0.85 15.46
CA LEU A 645 -7.89 0.22 15.38
C LEU A 645 -6.76 0.01 16.39
N ASP A 646 -7.08 -0.39 17.63
CA ASP A 646 -6.05 -0.61 18.64
C ASP A 646 -5.72 -2.09 18.69
N ASN A 647 -4.47 -2.42 18.34
CA ASN A 647 -3.93 -3.78 18.27
C ASN A 647 -2.40 -3.77 18.47
N LEU A 648 -1.79 -4.93 18.70
CA LEU A 648 -0.35 -5.02 18.95
C LEU A 648 0.50 -4.68 17.74
N LEU A 649 -0.04 -4.83 16.51
CA LEU A 649 0.70 -4.50 15.28
C LEU A 649 0.84 -3.00 15.14
N VAL A 650 -0.28 -2.25 15.26
CA VAL A 650 -0.26 -0.79 15.14
C VAL A 650 0.70 -0.18 16.15
N ARG A 651 0.69 -0.73 17.38
CA ARG A 651 1.54 -0.33 18.49
C ARG A 651 3.01 -0.62 18.22
N PHE A 652 3.31 -1.83 17.72
CA PHE A 652 4.68 -2.25 17.40
C PHE A 652 5.32 -1.32 16.37
N LEU A 653 4.62 -1.10 15.25
CA LEU A 653 5.05 -0.27 14.14
C LEU A 653 5.21 1.19 14.50
N LEU A 654 4.18 1.76 15.18
CA LEU A 654 4.20 3.15 15.62
C LEU A 654 5.39 3.41 16.55
N LYS A 655 5.64 2.48 17.52
CA LYS A 655 6.75 2.51 18.46
C LYS A 655 8.06 2.63 17.69
N LYS A 656 8.27 1.77 16.68
CA LYS A 656 9.48 1.76 15.86
C LYS A 656 9.59 3.02 15.03
N ALA A 657 8.44 3.56 14.59
CA ALA A 657 8.46 4.77 13.77
C ALA A 657 8.94 5.96 14.59
N LEU A 658 8.65 5.94 15.90
CA LEU A 658 9.03 6.98 16.85
C LEU A 658 10.41 6.70 17.50
N THR A 659 10.98 5.52 17.26
CA THR A 659 12.26 5.07 17.79
C THR A 659 13.35 5.24 16.72
N ASN A 660 12.95 5.16 15.45
CA ASN A 660 13.83 5.27 14.30
C ASN A 660 13.20 6.24 13.29
N GLN A 661 13.92 7.33 12.95
CA GLN A 661 13.45 8.37 12.03
C GLN A 661 13.43 7.94 10.56
N ARG A 662 14.24 6.92 10.18
CA ARG A 662 14.24 6.39 8.81
C ARG A 662 12.92 5.62 8.62
N ILE A 663 12.59 4.72 9.58
CA ILE A 663 11.36 3.93 9.62
C ILE A 663 10.15 4.90 9.67
N GLY A 664 10.24 5.94 10.51
CA GLY A 664 9.22 6.96 10.70
C GLY A 664 8.88 7.69 9.42
N HIS A 665 9.93 8.09 8.64
CA HIS A 665 9.80 8.77 7.36
C HIS A 665 8.96 7.95 6.35
N PHE A 666 9.29 6.66 6.11
CA PHE A 666 8.47 5.92 5.16
C PHE A 666 7.15 5.50 5.76
N PHE A 667 7.08 5.32 7.09
CA PHE A 667 5.81 4.99 7.75
C PHE A 667 4.84 6.16 7.50
N PHE A 668 5.33 7.41 7.71
CA PHE A 668 4.55 8.61 7.41
C PHE A 668 4.01 8.59 5.95
N TRP A 669 4.92 8.52 4.96
CA TRP A 669 4.58 8.54 3.53
C TRP A 669 3.66 7.40 3.10
N HIS A 670 3.97 6.15 3.50
CA HIS A 670 3.11 5.03 3.13
C HIS A 670 1.66 5.26 3.57
N LEU A 671 1.46 5.78 4.81
CA LEU A 671 0.11 6.10 5.28
C LEU A 671 -0.46 7.35 4.58
N LYS A 672 0.37 8.42 4.41
CA LYS A 672 -0.04 9.67 3.73
C LYS A 672 -0.57 9.43 2.30
N SER A 673 0.12 8.57 1.55
CA SER A 673 -0.19 8.20 0.17
C SER A 673 -1.54 7.49 0.00
N GLU A 674 -2.21 7.11 1.10
CA GLU A 674 -3.50 6.40 1.06
C GLU A 674 -4.62 7.14 1.75
N MET A 675 -4.32 8.32 2.27
CA MET A 675 -5.30 9.19 2.93
C MET A 675 -6.55 9.53 2.04
N HIS A 676 -6.38 9.54 0.71
CA HIS A 676 -7.46 9.78 -0.24
C HIS A 676 -8.45 8.59 -0.32
N ASN A 677 -8.01 7.40 0.11
CA ASN A 677 -8.81 6.18 0.03
C ASN A 677 -9.72 6.07 1.26
N LYS A 678 -11.01 6.44 1.06
CA LYS A 678 -12.00 6.51 2.15
C LYS A 678 -12.17 5.21 2.92
N THR A 679 -11.66 4.09 2.39
CA THR A 679 -11.72 2.78 3.06
C THR A 679 -10.70 2.68 4.20
N VAL A 680 -9.66 3.55 4.20
CA VAL A 680 -8.58 3.53 5.20
C VAL A 680 -8.28 4.90 5.84
N SER A 681 -8.74 6.00 5.21
CA SER A 681 -8.49 7.38 5.67
C SER A 681 -8.61 7.58 7.19
N GLN A 682 -9.70 7.11 7.85
CA GLN A 682 -9.83 7.29 9.30
C GLN A 682 -8.74 6.56 10.10
N ARG A 683 -8.52 5.25 9.85
CA ARG A 683 -7.48 4.44 10.51
C ARG A 683 -6.12 5.08 10.37
N PHE A 684 -5.80 5.50 9.13
CA PHE A 684 -4.52 6.06 8.74
C PHE A 684 -4.39 7.46 9.24
N GLY A 685 -5.50 8.17 9.38
CA GLY A 685 -5.53 9.55 9.86
C GLY A 685 -5.19 9.60 11.33
N LEU A 686 -5.86 8.70 12.08
CA LEU A 686 -5.67 8.56 13.52
C LEU A 686 -4.24 8.13 13.87
N LEU A 687 -3.67 7.18 13.11
CA LEU A 687 -2.32 6.69 13.30
C LEU A 687 -1.26 7.76 13.01
N LEU A 688 -1.45 8.49 11.89
CA LEU A 688 -0.58 9.58 11.46
C LEU A 688 -0.65 10.69 12.47
N GLU A 689 -1.86 10.92 13.06
CA GLU A 689 -2.07 11.94 14.07
C GLU A 689 -1.18 11.62 15.28
N SER A 690 -1.28 10.39 15.80
CA SER A 690 -0.45 9.98 16.94
C SER A 690 1.04 10.00 16.61
N TYR A 691 1.40 9.75 15.34
CA TYR A 691 2.77 9.77 14.89
C TYR A 691 3.30 11.19 14.92
N CYS A 692 2.57 12.15 14.33
CA CYS A 692 2.94 13.55 14.22
C CYS A 692 3.05 14.26 15.56
N ARG A 693 2.25 13.85 16.58
CA ARG A 693 2.35 14.41 17.93
C ARG A 693 3.71 14.05 18.57
N ALA A 694 4.19 12.82 18.34
CA ALA A 694 5.40 12.30 18.95
C ALA A 694 6.68 12.22 18.06
N CYS A 695 6.60 12.50 16.75
CA CYS A 695 7.80 12.40 15.88
C CYS A 695 8.89 13.46 16.17
N GLY A 696 8.56 14.38 17.06
CA GLY A 696 9.45 15.46 17.42
C GLY A 696 9.59 16.48 16.33
N MET A 697 10.82 16.95 16.14
CA MET A 697 11.23 17.96 15.17
C MET A 697 10.91 17.57 13.74
N TYR A 698 10.99 16.26 13.43
CA TYR A 698 10.74 15.72 12.10
C TYR A 698 9.42 16.17 11.43
N LEU A 699 8.41 16.61 12.23
CA LEU A 699 7.15 17.11 11.70
C LEU A 699 7.42 18.32 10.83
N LYS A 700 8.31 19.24 11.27
CA LYS A 700 8.69 20.46 10.53
C LYS A 700 9.35 20.10 9.19
N HIS A 701 10.24 19.09 9.20
CA HIS A 701 10.90 18.59 8.00
C HIS A 701 9.91 17.94 7.04
N LEU A 702 8.98 17.11 7.60
CA LEU A 702 7.92 16.45 6.83
C LEU A 702 7.02 17.48 6.15
N ASN A 703 6.65 18.57 6.89
CA ASN A 703 5.82 19.67 6.41
C ASN A 703 6.46 20.35 5.22
N ARG A 704 7.81 20.52 5.25
N ARG A 704 7.80 20.51 5.24
CA ARG A 704 8.62 21.12 4.17
CA ARG A 704 8.57 21.11 4.14
C ARG A 704 8.50 20.29 2.89
C ARG A 704 8.46 20.28 2.87
N GLN A 705 8.52 18.93 3.00
CA GLN A 705 8.41 17.98 1.87
C GLN A 705 6.99 18.06 1.31
N VAL A 706 5.98 17.95 2.20
CA VAL A 706 4.55 18.07 1.87
C VAL A 706 4.26 19.37 1.12
N GLU A 707 4.75 20.54 1.62
CA GLU A 707 4.47 21.81 0.94
C GLU A 707 5.18 21.89 -0.41
N ALA A 708 6.41 21.30 -0.54
CA ALA A 708 7.15 21.26 -1.81
C ALA A 708 6.37 20.42 -2.81
N MET A 709 5.75 19.32 -2.33
CA MET A 709 4.97 18.40 -3.15
C MET A 709 3.69 19.03 -3.66
N GLU A 710 2.94 19.75 -2.79
CA GLU A 710 1.68 20.41 -3.17
C GLU A 710 1.87 21.44 -4.26
N LYS A 711 3.04 22.14 -4.26
CA LYS A 711 3.32 23.15 -5.30
C LYS A 711 3.51 22.40 -6.61
N LEU A 712 4.27 21.28 -6.57
CA LEU A 712 4.51 20.43 -7.74
C LEU A 712 3.22 19.78 -8.26
N ILE A 713 2.28 19.45 -7.35
CA ILE A 713 0.97 18.93 -7.71
C ILE A 713 0.20 20.05 -8.39
N ASN A 714 0.24 21.30 -7.86
CA ASN A 714 -0.46 22.41 -8.51
C ASN A 714 0.05 22.69 -9.92
N LEU A 715 1.37 22.72 -10.08
CA LEU A 715 2.09 22.97 -11.34
C LEU A 715 1.80 21.93 -12.41
N THR A 716 1.84 20.64 -12.04
CA THR A 716 1.55 19.56 -12.97
C THR A 716 0.07 19.53 -13.34
N ASP A 717 -0.81 19.98 -12.43
CA ASP A 717 -2.27 20.05 -12.63
C ASP A 717 -2.65 21.09 -13.67
N ILE A 718 -1.91 22.20 -13.73
CA ILE A 718 -2.13 23.28 -14.69
C ILE A 718 -1.87 22.73 -16.09
N LEU A 719 -0.64 22.16 -16.30
CA LEU A 719 -0.21 21.56 -17.57
C LEU A 719 -1.12 20.40 -18.03
N LYS A 720 -1.76 19.65 -17.09
CA LYS A 720 -2.66 18.54 -17.47
C LYS A 720 -4.02 19.02 -17.98
N GLN A 721 -4.54 20.13 -17.43
CA GLN A 721 -5.86 20.65 -17.79
C GLN A 721 -5.79 21.89 -18.68
N GLU A 722 -5.57 23.06 -18.05
CA GLU A 722 -5.53 24.38 -18.66
C GLU A 722 -4.54 24.52 -19.81
N LYS A 723 -3.40 23.81 -19.78
CA LYS A 723 -2.40 23.92 -20.84
C LYS A 723 -2.06 22.59 -21.48
N LYS A 724 -3.03 21.67 -21.63
CA LYS A 724 -2.77 20.35 -22.23
C LYS A 724 -2.46 20.45 -23.74
N ASP A 725 -3.24 21.29 -24.46
CA ASP A 725 -3.10 21.51 -25.89
C ASP A 725 -2.08 22.62 -26.17
N GLU A 726 -0.89 22.53 -25.53
CA GLU A 726 0.19 23.49 -25.69
C GLU A 726 1.50 22.81 -26.15
N THR A 727 2.44 23.62 -26.66
CA THR A 727 3.74 23.20 -27.16
C THR A 727 4.79 23.19 -26.07
N GLN A 728 5.69 22.19 -26.10
CA GLN A 728 6.79 21.95 -25.16
C GLN A 728 7.64 23.20 -24.83
N LYS A 729 7.87 24.06 -25.84
CA LYS A 729 8.66 25.28 -25.69
C LYS A 729 7.90 26.34 -24.86
N VAL A 730 6.57 26.44 -25.06
CA VAL A 730 5.66 27.38 -24.37
C VAL A 730 5.31 26.85 -22.94
N GLN A 731 5.19 25.51 -22.81
CA GLN A 731 4.92 24.79 -21.57
C GLN A 731 6.07 25.00 -20.57
N MET A 732 7.33 24.96 -21.06
CA MET A 732 8.55 25.15 -20.26
C MET A 732 8.74 26.60 -19.84
N LYS A 733 8.35 27.56 -20.72
CA LYS A 733 8.39 29.02 -20.47
C LYS A 733 7.48 29.32 -19.28
N PHE A 734 6.30 28.64 -19.22
CA PHE A 734 5.34 28.77 -18.14
C PHE A 734 5.94 28.14 -16.89
N LEU A 735 6.47 26.91 -17.04
CA LEU A 735 7.10 26.16 -15.98
C LEU A 735 8.14 26.97 -15.22
N VAL A 736 9.20 27.49 -15.91
CA VAL A 736 10.24 28.27 -15.24
C VAL A 736 9.69 29.56 -14.65
N GLU A 737 8.91 30.36 -15.41
CA GLU A 737 8.31 31.62 -14.91
C GLU A 737 7.71 31.42 -13.52
N GLN A 738 6.92 30.33 -13.36
CA GLN A 738 6.27 29.97 -12.10
C GLN A 738 7.27 29.53 -11.06
N MET A 739 8.30 28.78 -11.45
CA MET A 739 9.29 28.30 -10.48
C MET A 739 10.25 29.38 -10.00
N ARG A 740 10.49 30.42 -10.83
CA ARG A 740 11.34 31.58 -10.55
C ARG A 740 10.75 32.46 -9.42
N ARG A 741 9.40 32.38 -9.19
CA ARG A 741 8.64 33.12 -8.16
C ARG A 741 9.21 32.96 -6.73
N PRO A 742 9.17 34.04 -5.90
CA PRO A 742 9.69 33.96 -4.53
C PRO A 742 9.08 32.84 -3.69
N ASP A 743 7.74 32.74 -3.65
CA ASP A 743 7.03 31.71 -2.89
C ASP A 743 7.41 30.28 -3.32
N PHE A 744 7.58 30.09 -4.64
CA PHE A 744 7.94 28.81 -5.25
C PHE A 744 9.32 28.33 -4.85
N MET A 745 10.31 29.23 -4.92
CA MET A 745 11.69 28.96 -4.55
C MET A 745 11.78 28.64 -3.07
N ASP A 746 11.12 29.44 -2.20
CA ASP A 746 11.06 29.28 -0.73
C ASP A 746 10.58 27.88 -0.33
N ALA A 747 9.60 27.34 -1.08
CA ALA A 747 9.01 26.02 -0.86
C ALA A 747 9.75 24.88 -1.52
N LEU A 748 10.24 25.09 -2.76
CA LEU A 748 10.89 24.03 -3.52
C LEU A 748 12.42 23.93 -3.40
N GLN A 749 13.03 24.70 -2.50
CA GLN A 749 14.47 24.61 -2.28
C GLN A 749 14.67 24.30 -0.81
N GLY A 750 15.79 23.66 -0.48
CA GLY A 750 16.18 23.34 0.89
C GLY A 750 15.24 22.49 1.72
N PHE A 751 15.03 21.25 1.30
CA PHE A 751 14.21 20.29 2.04
C PHE A 751 14.83 18.91 1.87
N LEU A 752 14.35 17.89 2.58
CA LEU A 752 14.91 16.55 2.45
C LEU A 752 14.16 15.77 1.34
N SER A 753 14.89 15.05 0.48
CA SER A 753 14.29 14.22 -0.54
C SER A 753 13.34 13.23 0.12
N PRO A 754 12.06 13.12 -0.33
CA PRO A 754 11.17 12.14 0.29
C PRO A 754 11.55 10.71 -0.12
N LEU A 755 12.39 10.54 -1.18
CA LEU A 755 12.90 9.23 -1.60
C LEU A 755 13.99 8.68 -0.65
N ASN A 756 14.72 9.59 0.05
CA ASN A 756 15.78 9.29 1.03
C ASN A 756 15.97 10.48 1.97
N PRO A 757 15.54 10.37 3.25
CA PRO A 757 15.65 11.52 4.16
C PRO A 757 17.09 11.93 4.48
N ALA A 758 18.08 11.08 4.12
CA ALA A 758 19.52 11.33 4.28
C ALA A 758 19.99 12.17 3.09
N HIS A 759 19.16 12.29 2.06
CA HIS A 759 19.47 13.11 0.89
C HIS A 759 18.90 14.49 1.09
N GLN A 760 19.78 15.50 1.10
CA GLN A 760 19.38 16.88 1.25
C GLN A 760 19.19 17.48 -0.13
N LEU A 761 18.11 18.23 -0.34
CA LEU A 761 17.83 18.88 -1.60
C LEU A 761 18.00 20.37 -1.39
N GLY A 762 19.14 20.90 -1.82
CA GLY A 762 19.50 22.30 -1.68
C GLY A 762 18.82 23.18 -2.70
N ASN A 763 19.62 23.99 -3.41
CA ASN A 763 19.10 24.91 -4.41
C ASN A 763 18.64 24.20 -5.67
N LEU A 764 17.41 24.49 -6.11
CA LEU A 764 16.82 23.90 -7.29
C LEU A 764 17.43 24.52 -8.55
N ARG A 765 18.33 23.78 -9.22
CA ARG A 765 19.01 24.22 -10.46
C ARG A 765 18.06 24.23 -11.69
N LEU A 766 17.15 25.23 -11.75
CA LEU A 766 16.11 25.46 -12.76
C LEU A 766 16.49 25.17 -14.21
N GLU A 767 17.78 25.34 -14.54
CA GLU A 767 18.39 25.14 -15.86
C GLU A 767 18.40 23.67 -16.29
N GLU A 768 18.55 22.77 -15.30
CA GLU A 768 18.57 21.33 -15.53
C GLU A 768 17.24 20.65 -15.12
N CYS A 769 16.12 21.40 -15.25
CA CYS A 769 14.77 20.92 -14.97
C CYS A 769 14.06 20.78 -16.31
N GLU A 770 13.41 19.62 -16.54
CA GLU A 770 12.82 19.28 -17.84
C GLU A 770 11.47 18.54 -17.75
N ILE A 771 10.53 18.90 -18.64
CA ILE A 771 9.26 18.18 -18.80
C ILE A 771 9.59 17.15 -19.89
N MET A 772 9.46 15.86 -19.57
CA MET A 772 9.74 14.80 -20.53
C MET A 772 8.65 14.71 -21.61
N SER A 773 9.04 14.32 -22.82
CA SER A 773 8.11 14.20 -23.95
C SER A 773 7.60 12.75 -24.05
N SER A 774 6.92 12.28 -22.99
CA SER A 774 6.48 10.89 -22.94
C SER A 774 5.10 10.70 -22.30
N ALA A 775 4.90 9.54 -21.62
CA ALA A 775 3.69 9.12 -20.94
C ALA A 775 3.44 9.94 -19.69
N LYS A 776 2.37 10.76 -19.72
CA LYS A 776 1.88 11.67 -18.67
C LYS A 776 2.85 12.86 -18.38
N ARG A 777 3.85 13.09 -19.29
CA ARG A 777 4.86 14.17 -19.26
C ARG A 777 5.44 14.44 -17.84
N PRO A 778 6.27 13.51 -17.32
CA PRO A 778 6.84 13.70 -15.97
C PRO A 778 7.82 14.86 -15.85
N LEU A 779 8.04 15.33 -14.62
CA LEU A 779 8.97 16.42 -14.36
C LEU A 779 10.29 15.96 -13.80
N LYS A 780 11.35 16.08 -14.62
CA LYS A 780 12.72 15.80 -14.25
C LYS A 780 13.16 17.06 -13.50
N LEU A 781 13.48 16.92 -12.21
CA LEU A 781 13.87 18.06 -11.38
C LEU A 781 15.26 17.91 -10.82
N ASN A 782 16.08 18.97 -10.95
CA ASN A 782 17.47 18.97 -10.49
C ASN A 782 17.73 19.87 -9.28
N TRP A 783 18.28 19.26 -8.22
CA TRP A 783 18.65 19.94 -6.97
C TRP A 783 20.14 19.84 -6.71
N GLU A 784 20.70 20.90 -6.10
CA GLU A 784 22.09 20.94 -5.65
C GLU A 784 22.18 20.11 -4.35
N ASN A 785 23.26 19.34 -4.16
CA ASN A 785 23.48 18.59 -2.91
C ASN A 785 24.20 19.58 -1.98
N PRO A 786 23.53 20.12 -0.94
CA PRO A 786 24.21 21.13 -0.09
C PRO A 786 25.34 20.61 0.80
N ASP A 787 25.55 19.28 0.84
CA ASP A 787 26.60 18.65 1.63
C ASP A 787 27.95 19.28 1.32
N ILE A 788 28.77 19.41 2.38
CA ILE A 788 30.10 19.99 2.28
C ILE A 788 30.97 19.17 1.27
N MET A 789 31.19 17.85 1.50
CA MET A 789 31.95 17.00 0.57
C MET A 789 30.99 16.20 -0.35
N SER A 790 30.07 16.94 -1.03
CA SER A 790 29.06 16.38 -1.93
C SER A 790 29.68 15.77 -3.20
N GLU A 791 30.89 16.28 -3.56
CA GLU A 791 31.73 15.91 -4.72
C GLU A 791 32.07 14.42 -4.78
N LEU A 792 32.23 13.79 -3.60
CA LEU A 792 32.57 12.38 -3.45
C LEU A 792 31.39 11.41 -3.61
N LEU A 793 30.14 11.91 -3.80
CA LEU A 793 28.91 11.09 -3.94
C LEU A 793 28.10 11.48 -5.19
N PHE A 794 27.60 12.72 -5.20
CA PHE A 794 26.83 13.37 -6.28
C PHE A 794 26.59 14.82 -5.88
N GLN A 795 26.78 15.74 -6.82
CA GLN A 795 26.59 17.16 -6.55
C GLN A 795 25.16 17.60 -6.94
N ASN A 796 24.50 16.80 -7.80
CA ASN A 796 23.13 17.02 -8.26
C ASN A 796 22.22 15.79 -8.02
N ASN A 797 21.08 16.03 -7.35
CA ASN A 797 20.07 15.00 -7.08
C ASN A 797 18.90 15.24 -8.04
N ILE A 798 18.64 14.26 -8.93
CA ILE A 798 17.56 14.33 -9.90
C ILE A 798 16.42 13.36 -9.53
N ILE A 799 15.17 13.87 -9.51
CA ILE A 799 13.98 13.10 -9.16
C ILE A 799 12.88 13.41 -10.18
N MET A 800 12.27 12.35 -10.71
CA MET A 800 11.15 12.44 -11.65
C MET A 800 9.88 12.60 -10.85
N PHE A 801 9.00 13.56 -11.24
CA PHE A 801 7.74 13.81 -10.54
C PHE A 801 6.58 13.47 -11.46
N LYS A 802 5.94 12.29 -11.21
CA LYS A 802 4.83 11.79 -12.02
C LYS A 802 3.50 12.07 -11.37
N ASN A 803 2.63 12.81 -12.08
CA ASN A 803 1.27 13.13 -11.67
C ASN A 803 0.37 12.64 -12.80
N GLY A 804 -0.40 11.60 -12.51
CA GLY A 804 -1.30 11.00 -13.47
C GLY A 804 -1.30 9.49 -13.46
N ASP A 805 -0.14 8.88 -13.19
CA ASP A 805 -0.07 7.43 -13.16
C ASP A 805 0.08 6.90 -11.75
N ASP A 806 -0.54 5.71 -11.50
CA ASP A 806 -0.42 4.99 -10.24
C ASP A 806 0.93 4.25 -10.23
N LEU A 807 1.74 4.52 -9.20
CA LEU A 807 3.08 4.00 -9.05
C LEU A 807 3.20 2.90 -8.00
N ARG A 808 2.15 2.67 -7.18
CA ARG A 808 2.11 1.63 -6.16
C ARG A 808 2.64 0.32 -6.69
N GLN A 809 2.17 -0.12 -7.89
CA GLN A 809 2.61 -1.35 -8.51
C GLN A 809 4.11 -1.34 -8.94
N ASP A 810 4.61 -0.21 -9.50
CA ASP A 810 6.03 -0.02 -9.87
C ASP A 810 6.89 -0.11 -8.59
N MET A 811 6.43 0.58 -7.52
CA MET A 811 7.03 0.66 -6.18
C MET A 811 7.22 -0.75 -5.58
N LEU A 812 6.18 -1.61 -5.71
CA LEU A 812 6.23 -2.99 -5.20
C LEU A 812 7.20 -3.85 -6.00
N THR A 813 7.28 -3.66 -7.33
CA THR A 813 8.18 -4.46 -8.20
C THR A 813 9.67 -4.20 -7.87
N LEU A 814 10.03 -2.92 -7.63
CA LEU A 814 11.38 -2.50 -7.25
C LEU A 814 11.72 -2.98 -5.82
N GLN A 815 10.73 -3.06 -4.91
CA GLN A 815 10.97 -3.57 -3.56
C GLN A 815 11.30 -5.06 -3.67
N ILE A 816 10.47 -5.84 -4.40
CA ILE A 816 10.71 -7.27 -4.61
C ILE A 816 12.09 -7.47 -5.27
N ILE A 817 12.45 -6.62 -6.26
CA ILE A 817 13.73 -6.67 -6.95
C ILE A 817 14.87 -6.39 -5.96
N ARG A 818 14.69 -5.40 -5.02
CA ARG A 818 15.68 -5.11 -3.97
C ARG A 818 15.83 -6.40 -3.14
N ILE A 819 14.71 -6.94 -2.57
CA ILE A 819 14.68 -8.19 -1.81
C ILE A 819 15.35 -9.39 -2.57
N MET A 820 15.21 -9.45 -3.90
CA MET A 820 15.80 -10.53 -4.70
C MET A 820 17.30 -10.43 -4.75
N GLU A 821 17.83 -9.20 -4.96
CA GLU A 821 19.27 -8.95 -4.99
C GLU A 821 19.93 -9.41 -3.69
N ASN A 822 19.38 -9.05 -2.52
CA ASN A 822 19.90 -9.47 -1.22
C ASN A 822 20.01 -10.98 -1.11
N ILE A 823 18.94 -11.71 -1.49
CA ILE A 823 18.87 -13.19 -1.47
C ILE A 823 20.09 -13.74 -2.23
N TRP A 824 20.44 -13.08 -3.35
CA TRP A 824 21.55 -13.42 -4.23
C TRP A 824 22.89 -13.00 -3.63
N GLN A 825 23.04 -11.72 -3.21
CA GLN A 825 24.26 -11.13 -2.63
C GLN A 825 24.74 -11.92 -1.44
N ASN A 826 23.82 -12.27 -0.53
CA ASN A 826 24.12 -13.06 0.66
C ASN A 826 24.39 -14.52 0.33
N GLN A 827 23.92 -14.99 -0.83
CA GLN A 827 24.18 -16.36 -1.25
C GLN A 827 25.44 -16.48 -2.13
N GLY A 828 26.14 -15.37 -2.32
CA GLY A 828 27.37 -15.36 -3.12
C GLY A 828 27.23 -15.02 -4.59
N LEU A 829 26.12 -14.38 -4.97
CA LEU A 829 25.89 -13.99 -6.36
C LEU A 829 26.00 -12.50 -6.49
N ASP A 830 26.80 -12.02 -7.44
CA ASP A 830 26.93 -10.58 -7.59
C ASP A 830 26.05 -10.08 -8.74
N LEU A 831 24.81 -10.62 -8.83
CA LEU A 831 23.84 -10.25 -9.85
C LEU A 831 23.29 -8.88 -9.47
N ARG A 832 24.03 -7.86 -9.93
CA ARG A 832 23.86 -6.44 -9.64
C ARG A 832 22.78 -5.79 -10.45
N MET A 833 21.65 -5.52 -9.83
CA MET A 833 20.60 -4.78 -10.51
C MET A 833 20.61 -3.35 -9.95
N LEU A 834 19.87 -2.43 -10.60
CA LEU A 834 19.84 -1.07 -10.09
C LEU A 834 18.41 -0.70 -9.63
N PRO A 835 17.97 -1.13 -8.42
CA PRO A 835 16.61 -0.80 -7.99
C PRO A 835 16.57 0.61 -7.44
N TYR A 836 16.29 1.55 -8.35
CA TYR A 836 16.17 2.97 -8.07
C TYR A 836 14.89 3.19 -7.24
N GLY A 837 14.91 4.23 -6.43
CA GLY A 837 13.81 4.59 -5.55
C GLY A 837 12.58 5.01 -6.32
N CYS A 838 11.42 4.56 -5.84
CA CYS A 838 10.09 4.90 -6.34
C CYS A 838 9.18 4.99 -5.13
N LEU A 839 8.58 6.15 -4.92
CA LEU A 839 7.68 6.34 -3.81
C LEU A 839 6.38 6.93 -4.29
N SER A 840 5.27 6.36 -3.82
CA SER A 840 3.92 6.81 -4.10
C SER A 840 3.61 7.83 -2.99
N ILE A 841 3.35 9.08 -3.37
CA ILE A 841 3.11 10.12 -2.37
C ILE A 841 1.60 10.56 -2.32
N GLY A 842 0.74 9.88 -3.08
CA GLY A 842 -0.69 10.14 -3.10
C GLY A 842 -1.44 9.41 -4.19
N ASP A 843 -2.72 9.78 -4.38
CA ASP A 843 -3.61 9.23 -5.41
C ASP A 843 -3.01 9.53 -6.77
N CYS A 844 -2.36 8.50 -7.37
CA CYS A 844 -1.70 8.58 -8.69
C CYS A 844 -0.70 9.71 -8.79
N VAL A 845 0.14 9.86 -7.78
CA VAL A 845 1.19 10.88 -7.69
C VAL A 845 2.33 10.20 -7.02
N GLY A 846 3.55 10.48 -7.48
CA GLY A 846 4.76 9.88 -6.93
C GLY A 846 6.06 10.40 -7.49
N LEU A 847 7.16 9.90 -6.90
CA LEU A 847 8.55 10.23 -7.24
C LEU A 847 9.31 8.98 -7.72
N ILE A 848 10.23 9.19 -8.67
CA ILE A 848 11.06 8.12 -9.23
C ILE A 848 12.49 8.67 -9.28
N GLU A 849 13.43 7.93 -8.73
CA GLU A 849 14.84 8.29 -8.74
C GLU A 849 15.30 8.26 -10.18
N TRP A 850 15.93 9.34 -10.63
CA TRP A 850 16.46 9.39 -12.00
C TRP A 850 17.74 8.57 -12.08
N VAL A 851 17.88 7.80 -13.15
CA VAL A 851 19.05 6.96 -13.34
C VAL A 851 20.04 7.70 -14.25
N ARG A 852 21.14 8.16 -13.62
CA ARG A 852 22.23 8.92 -14.24
C ARG A 852 23.15 8.04 -15.07
N ASN A 853 23.53 8.57 -16.26
CA ASN A 853 24.44 7.97 -17.27
C ASN A 853 23.80 6.79 -18.02
N SER A 854 22.47 6.66 -17.98
CA SER A 854 21.76 5.59 -18.66
C SER A 854 21.07 6.03 -19.93
N HIS A 855 21.02 5.10 -20.90
CA HIS A 855 20.41 5.29 -22.22
C HIS A 855 19.65 4.04 -22.64
N THR A 856 18.42 4.22 -23.17
CA THR A 856 17.57 3.13 -23.67
C THR A 856 18.25 2.47 -24.87
N ILE A 857 17.97 1.18 -25.13
CA ILE A 857 18.62 0.46 -26.23
C ILE A 857 18.37 1.20 -27.56
N MET A 858 17.13 1.69 -27.78
CA MET A 858 16.73 2.45 -28.98
C MET A 858 17.64 3.66 -29.21
N GLN A 859 17.87 4.46 -28.14
CA GLN A 859 18.75 5.63 -28.12
C GLN A 859 20.17 5.23 -28.51
N ILE A 860 20.65 4.07 -28.03
CA ILE A 860 21.97 3.52 -28.33
C ILE A 860 22.03 3.15 -29.82
N GLN A 861 20.91 2.63 -30.38
CA GLN A 861 20.80 2.24 -31.79
C GLN A 861 20.52 3.48 -32.69
N CYS A 862 21.38 4.49 -32.59
CA CYS A 862 21.30 5.75 -33.35
C CYS A 862 22.69 6.25 -33.72
N ASN A 873 22.13 -1.56 -37.13
CA ASN A 873 23.06 -2.67 -36.96
C ASN A 873 22.91 -3.39 -35.59
N SER A 874 23.12 -4.73 -35.58
CA SER A 874 23.03 -5.56 -34.36
C SER A 874 24.30 -5.47 -33.48
N HIS A 875 25.38 -4.87 -34.02
CA HIS A 875 26.64 -4.69 -33.31
C HIS A 875 26.76 -3.32 -32.63
N THR A 876 25.83 -2.41 -32.97
CA THR A 876 25.71 -1.04 -32.44
C THR A 876 25.82 -1.03 -30.91
N LEU A 877 25.11 -1.95 -30.22
CA LEU A 877 25.10 -2.06 -28.76
C LEU A 877 26.48 -2.43 -28.21
N HIS A 878 27.11 -3.51 -28.73
CA HIS A 878 28.43 -3.91 -28.29
C HIS A 878 29.45 -2.80 -28.54
N GLN A 879 29.30 -2.09 -29.69
CA GLN A 879 30.16 -0.97 -30.10
C GLN A 879 30.00 0.24 -29.17
N TRP A 880 28.75 0.57 -28.75
CA TRP A 880 28.44 1.66 -27.83
C TRP A 880 29.20 1.47 -26.51
N LEU A 881 29.11 0.26 -25.92
CA LEU A 881 29.78 -0.09 -24.66
C LEU A 881 31.29 -0.17 -24.85
N LYS A 882 31.75 -0.49 -26.08
CA LYS A 882 33.18 -0.59 -26.43
C LYS A 882 33.81 0.80 -26.37
N ASP A 883 33.12 1.80 -26.95
CA ASP A 883 33.52 3.19 -27.01
C ASP A 883 33.39 3.88 -25.65
N LYS A 884 32.32 3.59 -24.89
CA LYS A 884 32.06 4.15 -23.57
C LYS A 884 33.01 3.61 -22.49
N ASN A 885 33.53 2.38 -22.69
CA ASN A 885 34.45 1.69 -21.78
C ASN A 885 35.67 1.13 -22.54
N LYS A 886 36.54 2.05 -22.98
CA LYS A 886 37.78 1.76 -23.72
C LYS A 886 38.94 1.32 -22.82
N GLY A 887 39.73 0.37 -23.32
CA GLY A 887 40.92 -0.12 -22.64
C GLY A 887 40.75 -1.31 -21.73
N GLU A 888 41.44 -1.25 -20.57
CA GLU A 888 41.46 -2.29 -19.54
C GLU A 888 40.06 -2.55 -18.96
N ILE A 889 39.31 -1.46 -18.67
CA ILE A 889 37.99 -1.43 -18.05
C ILE A 889 36.87 -2.12 -18.88
N TYR A 890 37.18 -2.59 -20.10
CA TYR A 890 36.24 -3.28 -20.98
C TYR A 890 35.70 -4.57 -20.30
N ASP A 891 36.58 -5.36 -19.67
CA ASP A 891 36.26 -6.63 -19.02
C ASP A 891 35.30 -6.50 -17.85
N ALA A 892 35.40 -5.38 -17.10
CA ALA A 892 34.55 -5.06 -15.95
C ALA A 892 33.15 -4.65 -16.41
N ALA A 893 33.06 -3.90 -17.54
CA ALA A 893 31.78 -3.47 -18.12
C ALA A 893 30.97 -4.69 -18.62
N ILE A 894 31.66 -5.65 -19.27
CA ILE A 894 31.05 -6.87 -19.79
C ILE A 894 30.54 -7.75 -18.64
N ASP A 895 31.31 -7.84 -17.55
CA ASP A 895 30.97 -8.62 -16.34
C ASP A 895 29.72 -8.01 -15.68
N LEU A 896 29.61 -6.67 -15.71
CA LEU A 896 28.50 -5.91 -15.15
C LEU A 896 27.24 -6.09 -15.98
N PHE A 897 27.35 -6.04 -17.31
CA PHE A 897 26.22 -6.22 -18.21
C PHE A 897 25.67 -7.65 -18.11
N THR A 898 26.56 -8.65 -18.01
CA THR A 898 26.18 -10.06 -17.91
C THR A 898 25.48 -10.35 -16.59
N ARG A 899 26.01 -9.78 -15.48
CA ARG A 899 25.46 -9.96 -14.13
C ARG A 899 24.07 -9.31 -13.98
N SER A 900 23.93 -8.07 -14.48
CA SER A 900 22.65 -7.34 -14.50
C SER A 900 21.62 -8.02 -15.42
N CYS A 901 22.10 -8.69 -16.49
CA CYS A 901 21.28 -9.43 -17.45
C CYS A 901 20.67 -10.64 -16.80
N ALA A 902 21.47 -11.41 -16.06
CA ALA A 902 21.02 -12.63 -15.41
C ALA A 902 19.99 -12.31 -14.33
N GLY A 903 20.25 -11.22 -13.59
CA GLY A 903 19.39 -10.71 -12.53
C GLY A 903 18.03 -10.37 -13.08
N TYR A 904 17.99 -9.43 -14.05
CA TYR A 904 16.77 -8.97 -14.73
C TYR A 904 16.08 -10.08 -15.55
N CYS A 905 16.80 -11.12 -15.93
CA CYS A 905 16.19 -12.19 -16.69
C CYS A 905 15.37 -13.08 -15.76
N VAL A 906 15.98 -13.48 -14.64
CA VAL A 906 15.37 -14.32 -13.60
C VAL A 906 14.23 -13.52 -12.95
N ALA A 907 14.55 -12.30 -12.47
CA ALA A 907 13.58 -11.42 -11.82
C ALA A 907 12.33 -11.16 -12.70
N THR A 908 12.50 -10.86 -14.02
CA THR A 908 11.37 -10.59 -14.90
C THR A 908 10.52 -11.82 -15.13
N PHE A 909 11.14 -12.95 -15.47
CA PHE A 909 10.44 -14.22 -15.71
C PHE A 909 9.58 -14.66 -14.52
N ILE A 910 10.15 -14.63 -13.28
CA ILE A 910 9.46 -15.04 -12.05
C ILE A 910 8.21 -14.20 -11.77
N LEU A 911 8.35 -12.87 -11.75
CA LEU A 911 7.28 -11.89 -11.49
C LEU A 911 6.27 -11.71 -12.61
N GLY A 912 6.67 -12.07 -13.83
CA GLY A 912 5.83 -11.92 -15.01
C GLY A 912 5.63 -10.47 -15.36
N ILE A 913 6.71 -9.67 -15.25
CA ILE A 913 6.75 -8.23 -15.54
C ILE A 913 6.35 -7.95 -16.98
N GLY A 914 5.71 -6.78 -17.21
CA GLY A 914 5.26 -6.33 -18.53
C GLY A 914 6.34 -6.44 -19.59
N ASP A 915 5.97 -6.99 -20.77
CA ASP A 915 6.86 -7.26 -21.92
C ASP A 915 7.92 -6.19 -22.09
N ARG A 916 9.16 -6.62 -22.36
CA ARG A 916 10.29 -5.72 -22.53
C ARG A 916 10.49 -5.28 -23.98
N HIS A 917 11.15 -4.13 -24.16
CA HIS A 917 11.53 -3.57 -25.46
C HIS A 917 12.69 -2.58 -25.31
N ASN A 918 13.14 -2.00 -26.43
CA ASN A 918 14.28 -1.08 -26.50
C ASN A 918 14.07 0.23 -25.78
N SER A 919 12.82 0.53 -25.39
CA SER A 919 12.46 1.70 -24.58
C SER A 919 12.38 1.30 -23.10
N ASN A 920 11.86 0.09 -22.79
CA ASN A 920 11.73 -0.48 -21.44
C ASN A 920 13.07 -0.84 -20.78
N ILE A 921 14.12 -1.11 -21.60
CA ILE A 921 15.46 -1.52 -21.15
C ILE A 921 16.47 -0.40 -21.44
N MET A 922 17.43 -0.20 -20.52
CA MET A 922 18.47 0.81 -20.69
C MET A 922 19.83 0.36 -20.11
N VAL A 923 20.91 1.01 -20.58
CA VAL A 923 22.29 0.70 -20.18
C VAL A 923 22.98 1.97 -19.73
N LYS A 924 23.73 1.85 -18.64
CA LYS A 924 24.57 2.90 -18.07
C LYS A 924 25.97 2.81 -18.72
N ASP A 925 26.67 3.97 -18.86
CA ASP A 925 28.04 4.06 -19.39
C ASP A 925 28.91 2.90 -18.82
N ASP A 926 28.66 2.62 -17.53
CA ASP A 926 29.17 1.61 -16.61
C ASP A 926 29.22 0.19 -17.18
N GLY A 927 28.20 -0.17 -17.95
CA GLY A 927 27.98 -1.52 -18.47
C GLY A 927 26.72 -2.10 -17.82
N GLN A 928 26.23 -1.44 -16.77
CA GLN A 928 25.05 -1.76 -15.97
C GLN A 928 23.77 -1.68 -16.77
N LEU A 929 22.95 -2.74 -16.72
CA LEU A 929 21.65 -2.82 -17.36
C LEU A 929 20.62 -2.41 -16.31
N VAL A 930 19.59 -1.64 -16.75
CA VAL A 930 18.51 -1.11 -15.90
C VAL A 930 17.18 -1.26 -16.64
N HIS A 931 16.18 -1.81 -15.95
CA HIS A 931 14.83 -1.94 -16.50
C HIS A 931 14.00 -0.87 -15.89
N ILE A 932 13.19 -0.25 -16.73
CA ILE A 932 12.32 0.84 -16.33
C ILE A 932 10.89 0.49 -16.69
N ASP A 933 9.92 1.01 -15.95
CA ASP A 933 8.48 0.76 -16.20
C ASP A 933 8.06 -0.68 -15.98
N PHE A 934 7.37 -0.92 -14.85
CA PHE A 934 6.83 -2.23 -14.43
C PHE A 934 5.37 -2.03 -13.99
N GLY A 935 4.55 -1.55 -14.93
CA GLY A 935 3.12 -1.28 -14.73
C GLY A 935 2.26 -2.52 -14.70
N HIS A 936 2.83 -3.68 -15.07
CA HIS A 936 2.14 -4.96 -15.10
C HIS A 936 3.00 -6.06 -14.57
N PHE A 937 2.38 -7.03 -13.88
CA PHE A 937 3.02 -8.22 -13.32
C PHE A 937 2.02 -9.33 -13.01
N LEU A 938 2.54 -10.56 -12.93
CA LEU A 938 1.81 -11.82 -12.75
C LEU A 938 0.97 -12.06 -14.01
N ASP A 939 -0.13 -12.85 -13.97
CA ASP A 939 -0.91 -13.12 -15.19
C ASP A 939 -1.87 -11.95 -15.56
N HIS A 940 -1.28 -10.78 -15.89
CA HIS A 940 -2.01 -9.57 -16.27
C HIS A 940 -2.65 -9.69 -17.64
N LYS A 941 -2.16 -10.65 -18.47
CA LYS A 941 -2.69 -10.89 -19.82
C LYS A 941 -3.80 -11.95 -19.89
N LYS A 942 -4.02 -12.74 -18.81
CA LYS A 942 -5.03 -13.83 -18.73
C LYS A 942 -6.49 -13.38 -18.92
N LYS A 943 -6.87 -12.19 -18.46
CA LYS A 943 -8.25 -11.71 -18.63
C LYS A 943 -8.51 -11.21 -20.06
N LYS A 944 -7.55 -10.47 -20.65
CA LYS A 944 -7.63 -9.93 -22.01
C LYS A 944 -7.52 -11.03 -23.07
N PHE A 945 -6.63 -12.01 -22.83
CA PHE A 945 -6.37 -13.16 -23.69
C PHE A 945 -6.21 -14.38 -22.80
N GLY A 946 -7.19 -15.28 -22.84
CA GLY A 946 -7.23 -16.46 -21.99
C GLY A 946 -6.19 -17.55 -22.22
N TYR A 947 -4.97 -17.15 -22.65
CA TYR A 947 -3.85 -18.05 -22.93
C TYR A 947 -3.12 -18.38 -21.66
N LYS A 948 -3.14 -19.67 -21.26
CA LYS A 948 -2.44 -20.16 -20.07
C LYS A 948 -0.96 -20.38 -20.47
N ARG A 949 -0.14 -19.32 -20.33
CA ARG A 949 1.27 -19.31 -20.71
C ARG A 949 2.16 -18.54 -19.74
N GLU A 950 3.21 -19.19 -19.21
CA GLU A 950 4.21 -18.49 -18.39
C GLU A 950 5.17 -17.99 -19.47
N ARG A 951 5.35 -16.68 -19.56
CA ARG A 951 6.15 -16.09 -20.61
C ARG A 951 7.52 -15.62 -20.14
N VAL A 952 8.41 -15.33 -21.11
CA VAL A 952 9.74 -14.80 -20.88
C VAL A 952 9.71 -13.29 -21.30
N PRO A 953 9.38 -12.38 -20.35
CA PRO A 953 9.29 -10.94 -20.69
C PRO A 953 10.56 -10.34 -21.31
N PHE A 954 11.73 -10.83 -20.85
CA PHE A 954 13.05 -10.38 -21.29
C PHE A 954 13.77 -11.51 -22.04
N VAL A 955 13.63 -11.51 -23.37
CA VAL A 955 14.24 -12.45 -24.31
C VAL A 955 15.49 -11.75 -24.81
N LEU A 956 16.66 -12.31 -24.45
CA LEU A 956 17.96 -11.77 -24.88
C LEU A 956 18.06 -11.90 -26.40
N THR A 957 18.18 -10.74 -27.09
CA THR A 957 18.28 -10.69 -28.55
C THR A 957 19.73 -10.94 -28.97
N GLN A 958 19.99 -10.92 -30.30
CA GLN A 958 21.35 -11.13 -30.83
C GLN A 958 22.31 -10.11 -30.24
N ASP A 959 21.87 -8.81 -30.20
CA ASP A 959 22.59 -7.67 -29.64
C ASP A 959 23.10 -8.00 -28.23
N PHE A 960 22.21 -8.56 -27.38
CA PHE A 960 22.48 -8.93 -25.99
C PHE A 960 23.49 -10.05 -25.82
N LEU A 961 23.38 -11.10 -26.65
CA LEU A 961 24.31 -12.25 -26.59
C LEU A 961 25.70 -11.88 -27.11
N ILE A 962 25.77 -10.99 -28.14
CA ILE A 962 27.02 -10.46 -28.72
C ILE A 962 27.81 -9.78 -27.60
N VAL A 963 27.14 -8.85 -26.84
CA VAL A 963 27.72 -8.10 -25.73
C VAL A 963 28.31 -9.06 -24.68
N ILE A 964 27.53 -10.08 -24.25
CA ILE A 964 27.95 -11.08 -23.27
C ILE A 964 29.14 -11.91 -23.80
N SER A 965 29.07 -12.30 -25.10
CA SER A 965 30.07 -13.12 -25.79
C SER A 965 31.35 -12.36 -26.23
N LYS A 966 31.49 -11.08 -25.79
CA LYS A 966 32.64 -10.20 -26.09
C LYS A 966 32.85 -10.01 -27.61
N GLY A 967 31.76 -10.04 -28.37
CA GLY A 967 31.77 -9.84 -29.81
C GLY A 967 31.98 -11.09 -30.67
N ALA A 968 31.92 -12.29 -30.04
CA ALA A 968 32.08 -13.59 -30.70
C ALA A 968 30.96 -13.87 -31.73
N GLN A 969 31.15 -14.86 -32.62
CA GLN A 969 30.13 -15.12 -33.64
C GLN A 969 29.08 -16.14 -33.16
N GLU A 970 29.52 -17.33 -32.73
CA GLU A 970 28.61 -18.37 -32.21
C GLU A 970 28.47 -18.09 -30.71
N CYS A 971 27.60 -17.10 -30.40
CA CYS A 971 27.32 -16.54 -29.09
C CYS A 971 26.85 -17.55 -28.03
N THR A 972 25.97 -18.50 -28.43
CA THR A 972 25.42 -19.52 -27.54
C THR A 972 26.38 -20.69 -27.29
N LYS A 973 27.57 -20.64 -27.90
CA LYS A 973 28.62 -21.67 -27.78
C LYS A 973 29.82 -21.22 -26.93
N THR A 974 29.91 -19.90 -26.61
CA THR A 974 31.02 -19.32 -25.84
C THR A 974 31.07 -19.75 -24.38
N ARG A 975 32.24 -19.61 -23.76
CA ARG A 975 32.46 -19.91 -22.34
C ARG A 975 31.81 -18.83 -21.47
N GLU A 976 31.59 -17.65 -22.10
CA GLU A 976 31.00 -16.44 -21.53
C GLU A 976 29.49 -16.59 -21.35
N PHE A 977 28.83 -17.29 -22.30
CA PHE A 977 27.39 -17.58 -22.25
C PHE A 977 27.12 -18.74 -21.30
N GLU A 978 28.08 -19.68 -21.15
CA GLU A 978 27.95 -20.83 -20.25
C GLU A 978 27.90 -20.28 -18.82
N ARG A 979 28.79 -19.30 -18.55
CA ARG A 979 28.92 -18.59 -17.28
C ARG A 979 27.63 -17.80 -16.99
N PHE A 980 26.98 -17.24 -18.05
CA PHE A 980 25.71 -16.53 -17.96
C PHE A 980 24.57 -17.48 -17.55
N GLN A 981 24.36 -18.58 -18.29
CA GLN A 981 23.32 -19.56 -17.96
C GLN A 981 23.44 -20.04 -16.51
N GLU A 982 24.68 -20.28 -16.04
CA GLU A 982 25.00 -20.76 -14.70
C GLU A 982 24.47 -19.77 -13.66
N MET A 983 24.71 -18.46 -13.88
CA MET A 983 24.26 -17.36 -13.02
C MET A 983 22.73 -17.41 -12.86
N CYS A 984 22.00 -17.53 -13.98
CA CYS A 984 20.55 -17.62 -14.05
C CYS A 984 20.02 -18.83 -13.30
N TYR A 985 20.65 -20.00 -13.50
CA TYR A 985 20.25 -21.24 -12.86
C TYR A 985 20.43 -21.18 -11.36
N LYS A 986 21.44 -20.40 -10.89
CA LYS A 986 21.72 -20.19 -9.48
C LYS A 986 20.62 -19.31 -8.93
N ALA A 987 20.53 -18.09 -9.49
CA ALA A 987 19.59 -17.02 -9.19
C ALA A 987 18.18 -17.53 -9.02
N TYR A 988 17.75 -18.34 -10.00
CA TYR A 988 16.44 -18.95 -10.02
C TYR A 988 16.21 -19.84 -8.80
N LEU A 989 17.17 -20.80 -8.54
CA LEU A 989 17.11 -21.72 -7.39
C LEU A 989 17.15 -20.98 -6.06
N ALA A 990 17.89 -19.85 -5.99
CA ALA A 990 17.97 -19.01 -4.80
C ALA A 990 16.59 -18.47 -4.42
N ILE A 991 15.90 -17.79 -5.37
CA ILE A 991 14.53 -17.25 -5.20
C ILE A 991 13.55 -18.38 -4.95
N ARG A 992 13.71 -19.50 -5.65
CA ARG A 992 12.85 -20.66 -5.42
C ARG A 992 13.06 -21.27 -3.99
N GLN A 993 14.25 -21.01 -3.39
CA GLN A 993 14.60 -21.47 -2.04
C GLN A 993 13.87 -20.60 -1.04
N HIS A 994 13.80 -19.28 -1.34
CA HIS A 994 13.13 -18.27 -0.54
C HIS A 994 11.70 -17.98 -1.05
N ALA A 995 11.08 -18.93 -1.78
CA ALA A 995 9.74 -18.82 -2.36
C ALA A 995 8.68 -18.35 -1.36
N ASN A 996 8.59 -19.00 -0.20
CA ASN A 996 7.65 -18.66 0.88
C ASN A 996 7.71 -17.18 1.18
N LEU A 997 8.94 -16.61 1.36
CA LEU A 997 9.10 -15.17 1.59
C LEU A 997 8.38 -14.34 0.51
N PHE A 998 8.56 -14.69 -0.77
CA PHE A 998 7.94 -13.96 -1.86
C PHE A 998 6.44 -14.15 -1.93
N ILE A 999 5.96 -15.35 -1.65
CA ILE A 999 4.53 -15.64 -1.64
C ILE A 999 3.84 -14.85 -0.54
N ASN A 1000 4.45 -14.78 0.67
CA ASN A 1000 3.91 -14.04 1.82
C ASN A 1000 3.85 -12.55 1.59
N LEU A 1001 4.90 -11.99 0.94
CA LEU A 1001 5.00 -10.56 0.61
C LEU A 1001 3.89 -10.17 -0.32
N PHE A 1002 3.61 -11.01 -1.32
CA PHE A 1002 2.52 -10.82 -2.26
C PHE A 1002 1.21 -10.98 -1.55
N SER A 1003 1.07 -12.03 -0.73
CA SER A 1003 -0.14 -12.33 0.07
C SER A 1003 -0.54 -11.18 0.97
N MET A 1004 0.45 -10.46 1.53
CA MET A 1004 0.25 -9.33 2.44
C MET A 1004 -0.32 -8.08 1.73
N MET A 1005 -0.35 -8.10 0.37
CA MET A 1005 -0.79 -6.98 -0.47
C MET A 1005 -2.20 -7.10 -1.08
N LEU A 1006 -2.87 -8.25 -0.97
CA LEU A 1006 -4.19 -8.48 -1.58
C LEU A 1006 -5.29 -7.40 -1.30
N GLY A 1007 -5.23 -6.76 -0.13
CA GLY A 1007 -6.19 -5.72 0.25
C GLY A 1007 -5.82 -4.32 -0.21
N SER A 1008 -4.66 -4.17 -0.87
CA SER A 1008 -4.09 -2.89 -1.32
C SER A 1008 -4.90 -2.15 -2.39
N GLY A 1009 -5.59 -2.89 -3.26
CA GLY A 1009 -6.36 -2.31 -4.35
C GLY A 1009 -5.61 -2.31 -5.68
N MET A 1010 -4.48 -3.05 -5.72
CA MET A 1010 -3.66 -3.16 -6.91
C MET A 1010 -4.39 -3.98 -7.95
N PRO A 1011 -4.54 -3.43 -9.18
CA PRO A 1011 -5.25 -4.15 -10.25
C PRO A 1011 -4.84 -5.63 -10.45
N GLU A 1012 -3.52 -5.92 -10.53
CA GLU A 1012 -2.99 -7.26 -10.77
C GLU A 1012 -2.84 -8.17 -9.52
N LEU A 1013 -3.34 -7.74 -8.34
CA LEU A 1013 -3.21 -8.49 -7.10
C LEU A 1013 -4.46 -8.36 -6.21
N GLN A 1014 -5.52 -9.11 -6.57
CA GLN A 1014 -6.84 -9.08 -5.93
C GLN A 1014 -7.24 -10.40 -5.28
N SER A 1015 -6.61 -11.51 -5.69
CA SER A 1015 -6.91 -12.87 -5.19
C SER A 1015 -5.65 -13.72 -5.07
N PHE A 1016 -5.72 -14.78 -4.24
CA PHE A 1016 -4.63 -15.74 -4.07
C PHE A 1016 -4.32 -16.41 -5.40
N ASP A 1017 -5.32 -16.48 -6.27
CA ASP A 1017 -5.19 -17.08 -7.60
C ASP A 1017 -4.31 -16.21 -8.54
N ASP A 1018 -4.01 -14.95 -8.16
CA ASP A 1018 -3.09 -14.08 -8.91
C ASP A 1018 -1.66 -14.46 -8.50
N ILE A 1019 -1.50 -14.87 -7.21
CA ILE A 1019 -0.24 -15.31 -6.59
C ILE A 1019 0.16 -16.70 -7.11
N ALA A 1020 -0.83 -17.45 -7.61
CA ALA A 1020 -0.61 -18.76 -8.20
C ALA A 1020 0.40 -18.69 -9.38
N TYR A 1021 0.57 -17.48 -10.03
CA TYR A 1021 1.51 -17.25 -11.15
C TYR A 1021 2.95 -17.48 -10.71
N ILE A 1022 3.33 -16.93 -9.54
CA ILE A 1022 4.66 -17.07 -8.93
C ILE A 1022 4.89 -18.56 -8.63
N ARG A 1023 3.79 -19.27 -8.29
CA ARG A 1023 3.82 -20.71 -8.00
C ARG A 1023 4.08 -21.56 -9.27
N LYS A 1024 3.82 -21.01 -10.46
CA LYS A 1024 4.09 -21.69 -11.72
C LYS A 1024 5.54 -21.43 -12.18
N THR A 1025 5.98 -20.16 -12.20
CA THR A 1025 7.33 -19.73 -12.59
C THR A 1025 8.42 -20.31 -11.71
N LEU A 1026 8.11 -20.59 -10.44
CA LEU A 1026 9.06 -21.20 -9.50
C LEU A 1026 8.81 -22.70 -9.42
N ALA A 1027 7.74 -23.20 -10.09
CA ALA A 1027 7.37 -24.62 -10.18
C ALA A 1027 7.51 -25.31 -8.83
N LEU A 1028 6.77 -24.78 -7.86
CA LEU A 1028 6.79 -25.24 -6.49
C LEU A 1028 6.22 -26.67 -6.35
N ASP A 1029 5.13 -27.00 -7.09
CA ASP A 1029 4.54 -28.35 -7.08
C ASP A 1029 5.51 -29.39 -7.65
N LYS A 1030 6.51 -28.94 -8.41
CA LYS A 1030 7.56 -29.76 -9.00
C LYS A 1030 8.77 -29.83 -8.02
N THR A 1031 9.82 -30.60 -8.39
CA THR A 1031 11.02 -30.74 -7.55
C THR A 1031 12.07 -29.73 -8.01
N GLU A 1032 13.18 -29.54 -7.23
CA GLU A 1032 14.27 -28.62 -7.56
C GLU A 1032 14.85 -28.94 -8.96
N GLN A 1033 15.02 -30.23 -9.26
CA GLN A 1033 15.52 -30.71 -10.55
C GLN A 1033 14.48 -30.47 -11.65
N GLU A 1034 13.19 -30.67 -11.33
CA GLU A 1034 12.08 -30.45 -12.27
C GLU A 1034 11.91 -28.98 -12.65
N ALA A 1035 11.97 -28.06 -11.64
CA ALA A 1035 11.82 -26.61 -11.79
C ALA A 1035 12.95 -26.00 -12.61
N LEU A 1036 14.19 -26.47 -12.38
CA LEU A 1036 15.37 -26.01 -13.11
C LEU A 1036 15.23 -26.44 -14.57
N GLU A 1037 14.79 -27.70 -14.78
CA GLU A 1037 14.51 -28.30 -16.08
C GLU A 1037 13.38 -27.54 -16.78
N TYR A 1038 12.41 -27.04 -15.98
CA TYR A 1038 11.26 -26.24 -16.41
C TYR A 1038 11.75 -24.87 -16.90
N PHE A 1039 12.54 -24.17 -16.08
CA PHE A 1039 13.15 -22.87 -16.38
C PHE A 1039 13.91 -22.95 -17.70
N MET A 1040 14.70 -24.03 -17.88
CA MET A 1040 15.51 -24.26 -19.06
C MET A 1040 14.71 -24.37 -20.32
N LYS A 1041 13.60 -25.14 -20.29
CA LYS A 1041 12.71 -25.25 -21.44
C LYS A 1041 12.09 -23.89 -21.72
N GLN A 1042 11.72 -23.13 -20.67
CA GLN A 1042 11.15 -21.79 -20.83
C GLN A 1042 12.06 -20.84 -21.58
N MET A 1043 13.36 -20.83 -21.20
CA MET A 1043 14.43 -20.03 -21.81
C MET A 1043 14.74 -20.51 -23.24
N ASN A 1044 14.63 -21.83 -23.48
CA ASN A 1044 14.84 -22.42 -24.81
C ASN A 1044 13.74 -22.04 -25.80
N ASP A 1045 12.46 -22.17 -25.42
CA ASP A 1045 11.32 -21.83 -26.29
C ASP A 1045 11.32 -20.35 -26.65
N ALA A 1046 11.78 -19.48 -25.72
CA ALA A 1046 11.79 -18.05 -25.95
C ALA A 1046 12.92 -17.65 -26.88
N HIS A 1047 14.13 -18.15 -26.61
CA HIS A 1047 15.34 -17.84 -27.36
C HIS A 1047 15.54 -18.67 -28.65
N HIS A 1048 14.73 -19.74 -28.85
CA HIS A 1048 14.78 -20.69 -29.96
C HIS A 1048 16.14 -21.44 -29.92
N GLY A 1049 16.25 -22.32 -28.94
CA GLY A 1049 17.45 -23.10 -28.67
C GLY A 1049 18.59 -22.30 -28.08
N GLY A 1050 19.63 -22.99 -27.63
CA GLY A 1050 20.83 -22.39 -27.06
C GLY A 1050 21.11 -22.74 -25.61
N TRP A 1051 20.03 -22.96 -24.83
CA TRP A 1051 20.11 -23.25 -23.40
C TRP A 1051 20.37 -24.73 -23.13
N THR A 1052 21.67 -25.04 -23.11
CA THR A 1052 22.27 -26.35 -22.89
C THR A 1052 22.29 -26.67 -21.40
N THR A 1053 22.09 -27.96 -21.06
CA THR A 1053 22.09 -28.46 -19.69
C THR A 1053 23.52 -28.61 -19.15
N SER B 27 -15.21 -46.83 -16.51
CA SER B 27 -13.86 -46.27 -16.52
C SER B 27 -13.80 -44.82 -16.00
N LEU B 28 -12.63 -44.45 -15.43
CA LEU B 28 -12.41 -43.09 -14.95
C LEU B 28 -11.67 -42.31 -16.04
N GLN B 29 -12.34 -42.15 -17.19
CA GLN B 29 -11.91 -41.44 -18.39
C GLN B 29 -13.21 -41.01 -19.03
N ASP B 30 -14.20 -41.93 -18.99
CA ASP B 30 -15.56 -41.76 -19.47
C ASP B 30 -16.35 -41.05 -18.37
N ALA B 31 -15.84 -41.12 -17.14
CA ALA B 31 -16.40 -40.51 -15.94
C ALA B 31 -16.54 -39.00 -16.10
N GLU B 32 -17.78 -38.50 -16.01
CA GLU B 32 -18.14 -37.08 -16.15
C GLU B 32 -17.49 -36.19 -15.10
N TRP B 33 -17.49 -36.64 -13.82
CA TRP B 33 -16.93 -35.90 -12.69
C TRP B 33 -15.41 -35.82 -12.80
N TYR B 34 -14.79 -36.75 -13.54
CA TYR B 34 -13.33 -36.77 -13.70
C TYR B 34 -12.94 -35.69 -14.71
N TRP B 35 -12.07 -34.75 -14.32
CA TRP B 35 -11.69 -33.62 -15.17
C TRP B 35 -10.23 -33.60 -15.61
N GLY B 36 -9.56 -34.74 -15.49
CA GLY B 36 -8.17 -34.91 -15.89
C GLY B 36 -7.23 -33.84 -15.39
N ASP B 37 -6.54 -33.18 -16.33
CA ASP B 37 -5.52 -32.15 -16.09
C ASP B 37 -6.12 -30.73 -15.79
N ILE B 38 -7.08 -30.66 -14.85
CA ILE B 38 -7.68 -29.38 -14.45
C ILE B 38 -6.88 -28.79 -13.27
N SER B 39 -6.93 -27.46 -13.09
CA SER B 39 -6.20 -26.77 -12.01
C SER B 39 -7.11 -26.49 -10.83
N ARG B 40 -6.52 -26.31 -9.63
CA ARG B 40 -7.25 -25.99 -8.40
C ARG B 40 -8.02 -24.68 -8.60
N GLU B 41 -7.36 -23.69 -9.24
CA GLU B 41 -7.90 -22.37 -9.59
C GLU B 41 -9.15 -22.54 -10.47
N GLU B 42 -9.08 -23.50 -11.42
CA GLU B 42 -10.18 -23.84 -12.33
C GLU B 42 -11.29 -24.53 -11.54
N VAL B 43 -10.93 -25.46 -10.62
CA VAL B 43 -11.86 -26.21 -9.80
C VAL B 43 -12.66 -25.25 -8.92
N ASN B 44 -11.98 -24.25 -8.30
CA ASN B 44 -12.59 -23.24 -7.43
C ASN B 44 -13.70 -22.53 -8.16
N GLU B 45 -13.47 -22.14 -9.42
CA GLU B 45 -14.52 -21.51 -10.23
C GLU B 45 -15.69 -22.45 -10.42
N LYS B 46 -15.39 -23.71 -10.80
CA LYS B 46 -16.40 -24.75 -11.02
C LYS B 46 -17.22 -25.07 -9.77
N LEU B 47 -16.67 -24.83 -8.57
CA LEU B 47 -17.33 -25.11 -7.29
C LEU B 47 -17.79 -23.86 -6.52
N ARG B 48 -17.52 -22.63 -7.04
CA ARG B 48 -17.90 -21.37 -6.38
C ARG B 48 -19.42 -21.27 -6.27
N ASP B 49 -19.91 -20.89 -5.06
CA ASP B 49 -21.33 -20.71 -4.69
C ASP B 49 -22.22 -21.91 -5.09
N THR B 50 -21.78 -23.12 -4.73
CA THR B 50 -22.47 -24.38 -4.99
C THR B 50 -22.85 -24.99 -3.66
N ALA B 51 -23.81 -25.94 -3.66
CA ALA B 51 -24.30 -26.63 -2.48
C ALA B 51 -23.32 -27.71 -2.05
N ASP B 52 -23.41 -28.14 -0.78
CA ASP B 52 -22.61 -29.23 -0.24
C ASP B 52 -22.99 -30.50 -0.99
N GLY B 53 -22.01 -31.37 -1.19
CA GLY B 53 -22.18 -32.60 -1.95
C GLY B 53 -21.63 -32.47 -3.35
N THR B 54 -21.46 -31.20 -3.83
CA THR B 54 -20.89 -30.91 -5.14
C THR B 54 -19.43 -31.36 -5.14
N PHE B 55 -19.06 -32.20 -6.13
CA PHE B 55 -17.72 -32.76 -6.23
C PHE B 55 -17.23 -32.89 -7.66
N LEU B 56 -15.95 -33.26 -7.80
CA LEU B 56 -15.27 -33.54 -9.07
C LEU B 56 -13.89 -34.13 -8.79
N VAL B 57 -13.48 -35.13 -9.60
CA VAL B 57 -12.17 -35.75 -9.43
C VAL B 57 -11.20 -35.20 -10.48
N ARG B 58 -9.91 -35.14 -10.15
CA ARG B 58 -8.88 -34.65 -11.05
C ARG B 58 -7.50 -35.29 -10.79
N ASP B 59 -6.57 -35.06 -11.72
CA ASP B 59 -5.20 -35.52 -11.58
C ASP B 59 -4.55 -34.58 -10.56
N ALA B 60 -3.95 -35.16 -9.49
CA ALA B 60 -3.29 -34.45 -8.38
C ALA B 60 -2.36 -33.35 -8.87
N SER B 61 -2.09 -32.33 -8.04
CA SER B 61 -1.18 -31.23 -8.40
C SER B 61 0.29 -31.68 -8.32
N THR B 62 0.58 -32.79 -9.00
CA THR B 62 1.85 -33.50 -9.13
C THR B 62 1.76 -34.26 -10.52
N LYS B 63 2.82 -35.00 -10.91
CA LYS B 63 2.92 -35.80 -12.13
C LYS B 63 2.66 -35.00 -13.42
N ASP B 67 -2.78 -41.65 -8.53
CA ASP B 67 -2.68 -40.42 -7.75
C ASP B 67 -3.68 -39.34 -8.22
N TYR B 68 -4.89 -39.35 -7.61
CA TYR B 68 -6.01 -38.45 -7.92
C TYR B 68 -6.49 -37.66 -6.69
N THR B 69 -7.22 -36.53 -6.92
CA THR B 69 -7.79 -35.70 -5.86
C THR B 69 -9.29 -35.53 -6.06
N LEU B 70 -10.05 -35.80 -5.00
CA LEU B 70 -11.48 -35.57 -4.97
C LEU B 70 -11.69 -34.22 -4.27
N THR B 71 -12.33 -33.27 -4.94
CA THR B 71 -12.64 -31.98 -4.33
C THR B 71 -14.11 -32.02 -3.98
N LEU B 72 -14.45 -31.54 -2.78
CA LEU B 72 -15.84 -31.55 -2.34
C LEU B 72 -16.23 -30.27 -1.60
N ARG B 73 -17.44 -29.76 -1.91
CA ARG B 73 -18.02 -28.57 -1.26
C ARG B 73 -18.71 -29.02 0.05
N LYS B 74 -18.37 -28.36 1.17
CA LYS B 74 -18.90 -28.61 2.52
C LYS B 74 -18.65 -27.36 3.39
N GLY B 75 -19.72 -26.82 3.97
CA GLY B 75 -19.69 -25.64 4.84
C GLY B 75 -19.18 -24.37 4.17
N GLY B 76 -19.41 -24.28 2.86
CA GLY B 76 -18.98 -23.15 2.05
C GLY B 76 -17.55 -23.26 1.55
N ASN B 77 -16.83 -24.34 1.94
CA ASN B 77 -15.43 -24.56 1.54
C ASN B 77 -15.24 -25.72 0.58
N ASN B 78 -14.08 -25.75 -0.11
CA ASN B 78 -13.70 -26.81 -1.04
C ASN B 78 -12.65 -27.62 -0.35
N LYS B 79 -13.07 -28.79 0.14
CA LYS B 79 -12.24 -29.75 0.85
C LYS B 79 -11.55 -30.67 -0.16
N LEU B 80 -10.20 -30.70 -0.13
CA LEU B 80 -9.43 -31.55 -1.02
C LEU B 80 -9.12 -32.85 -0.29
N ILE B 81 -9.64 -33.98 -0.82
CA ILE B 81 -9.46 -35.32 -0.27
C ILE B 81 -8.63 -36.18 -1.26
N LYS B 82 -7.40 -36.57 -0.87
CA LYS B 82 -6.54 -37.39 -1.71
C LYS B 82 -7.09 -38.81 -1.92
N ILE B 83 -6.83 -39.38 -3.11
CA ILE B 83 -7.24 -40.73 -3.49
C ILE B 83 -5.97 -41.56 -3.56
N PHE B 84 -5.69 -42.30 -2.48
CA PHE B 84 -4.51 -43.14 -2.36
C PHE B 84 -4.64 -44.40 -3.18
N HIS B 85 -3.52 -44.80 -3.78
CA HIS B 85 -3.38 -46.00 -4.57
C HIS B 85 -2.09 -46.72 -4.15
N ARG B 86 -2.18 -48.05 -4.05
CA ARG B 86 -1.11 -48.98 -3.69
C ARG B 86 -1.54 -50.34 -4.21
N ASP B 87 -0.68 -50.95 -5.07
CA ASP B 87 -0.85 -52.30 -5.66
C ASP B 87 -2.26 -52.56 -6.25
N GLY B 88 -2.76 -51.59 -7.03
CA GLY B 88 -4.06 -51.65 -7.68
C GLY B 88 -5.27 -51.50 -6.78
N LYS B 89 -5.06 -50.96 -5.57
CA LYS B 89 -6.10 -50.75 -4.56
C LYS B 89 -6.25 -49.25 -4.25
N TYR B 90 -7.50 -48.79 -4.10
CA TYR B 90 -7.88 -47.39 -3.87
C TYR B 90 -8.64 -47.15 -2.56
N GLY B 91 -8.46 -45.94 -2.02
CA GLY B 91 -9.10 -45.46 -0.80
C GLY B 91 -8.57 -44.11 -0.35
N PHE B 92 -9.16 -43.54 0.72
CA PHE B 92 -8.75 -42.25 1.30
C PHE B 92 -7.73 -42.45 2.43
N SER B 93 -7.85 -43.59 3.12
CA SER B 93 -6.99 -44.02 4.22
C SER B 93 -6.92 -45.55 4.17
N ASP B 94 -5.84 -46.11 4.75
CA ASP B 94 -5.61 -47.56 4.87
C ASP B 94 -6.58 -48.15 5.89
N PRO B 95 -7.25 -49.30 5.61
CA PRO B 95 -7.08 -50.20 4.45
C PRO B 95 -7.70 -49.74 3.12
N LEU B 96 -6.97 -49.98 2.01
CA LEU B 96 -7.45 -49.64 0.67
C LEU B 96 -8.35 -50.77 0.16
N THR B 97 -9.68 -50.56 0.32
CA THR B 97 -10.80 -51.46 0.04
C THR B 97 -11.23 -51.50 -1.43
N PHE B 98 -11.25 -50.34 -2.11
CA PHE B 98 -11.76 -50.20 -3.48
C PHE B 98 -10.79 -50.63 -4.56
N SER B 99 -11.34 -51.11 -5.68
CA SER B 99 -10.58 -51.63 -6.83
C SER B 99 -10.29 -50.57 -7.90
N SER B 100 -11.19 -49.60 -8.09
CA SER B 100 -11.07 -48.49 -9.05
C SER B 100 -11.53 -47.17 -8.43
N VAL B 101 -11.15 -46.03 -9.05
CA VAL B 101 -11.56 -44.69 -8.59
C VAL B 101 -13.09 -44.51 -8.72
N VAL B 102 -13.70 -45.12 -9.76
CA VAL B 102 -15.14 -45.12 -10.06
C VAL B 102 -15.91 -45.85 -8.92
N GLU B 103 -15.48 -47.07 -8.55
CA GLU B 103 -16.03 -47.89 -7.45
C GLU B 103 -15.98 -47.09 -6.13
N LEU B 104 -14.85 -46.33 -5.93
CA LEU B 104 -14.61 -45.47 -4.77
C LEU B 104 -15.63 -44.32 -4.74
N ILE B 105 -15.80 -43.58 -5.86
CA ILE B 105 -16.74 -42.46 -6.00
C ILE B 105 -18.17 -42.93 -5.79
N ASN B 106 -18.57 -43.96 -6.56
CA ASN B 106 -19.90 -44.58 -6.55
C ASN B 106 -20.32 -45.07 -5.18
N HIS B 107 -19.37 -45.61 -4.40
CA HIS B 107 -19.69 -46.09 -3.06
C HIS B 107 -20.12 -44.92 -2.19
N TYR B 108 -19.34 -43.83 -2.17
CA TYR B 108 -19.65 -42.67 -1.37
C TYR B 108 -20.75 -41.79 -1.99
N ARG B 109 -21.12 -42.06 -3.27
CA ARG B 109 -22.22 -41.39 -4.00
C ARG B 109 -23.58 -41.82 -3.43
N ASN B 110 -23.59 -42.91 -2.61
CA ASN B 110 -24.77 -43.50 -1.98
C ASN B 110 -24.58 -43.68 -0.46
N GLU B 111 -23.41 -44.26 -0.06
CA GLU B 111 -23.06 -44.59 1.33
C GLU B 111 -22.85 -43.39 2.25
N SER B 112 -22.30 -42.26 1.72
CA SER B 112 -21.98 -41.00 2.43
C SER B 112 -20.67 -41.07 3.29
N LEU B 113 -19.99 -39.91 3.39
CA LEU B 113 -18.72 -39.63 4.07
C LEU B 113 -18.95 -39.34 5.57
N ALA B 114 -20.22 -39.44 6.05
CA ALA B 114 -20.59 -39.22 7.44
C ALA B 114 -19.78 -40.12 8.40
N GLN B 115 -19.64 -41.43 8.03
CA GLN B 115 -18.89 -42.45 8.78
C GLN B 115 -17.38 -42.18 8.78
N TYR B 116 -16.77 -42.00 7.58
CA TYR B 116 -15.33 -41.69 7.47
C TYR B 116 -15.11 -40.23 7.86
N ASN B 117 -14.58 -40.00 9.09
CA ASN B 117 -14.27 -38.68 9.67
C ASN B 117 -15.48 -37.68 9.66
N PRO B 118 -16.10 -37.38 10.83
CA PRO B 118 -17.22 -36.43 10.84
C PRO B 118 -16.77 -34.99 10.63
N ASP B 121 -18.64 -35.81 6.14
CA ASP B 121 -19.90 -35.58 6.86
C ASP B 121 -21.18 -35.53 5.94
N VAL B 122 -21.00 -35.33 4.61
CA VAL B 122 -22.07 -35.30 3.60
C VAL B 122 -21.86 -36.50 2.65
N LYS B 123 -22.50 -36.53 1.47
CA LYS B 123 -22.28 -37.60 0.50
C LYS B 123 -21.45 -37.01 -0.67
N LEU B 124 -21.59 -37.59 -1.87
CA LEU B 124 -20.98 -37.08 -3.10
C LEU B 124 -22.17 -37.03 -4.04
N LEU B 125 -23.02 -36.03 -3.82
CA LEU B 125 -24.31 -35.83 -4.44
C LEU B 125 -24.35 -35.20 -5.84
N TYR B 126 -23.81 -33.98 -5.99
CA TYR B 126 -23.93 -33.22 -7.24
C TYR B 126 -22.65 -33.16 -8.08
N PRO B 127 -22.46 -34.08 -9.04
CA PRO B 127 -21.22 -34.05 -9.83
C PRO B 127 -21.16 -32.94 -10.85
N VAL B 128 -19.96 -32.41 -11.07
CA VAL B 128 -19.65 -31.36 -12.04
C VAL B 128 -19.33 -32.14 -13.32
N SER B 129 -20.29 -32.18 -14.26
CA SER B 129 -20.13 -32.94 -15.50
C SER B 129 -19.36 -32.21 -16.56
N LYS B 130 -18.35 -32.88 -17.09
CA LYS B 130 -17.49 -32.40 -18.18
C LYS B 130 -18.24 -32.53 -19.50
N TYR B 131 -19.48 -33.08 -19.47
CA TYR B 131 -20.31 -33.35 -20.64
C TYR B 131 -21.48 -32.42 -20.81
N GLN B 132 -21.93 -31.83 -19.71
CA GLN B 132 -23.08 -30.94 -19.70
C GLN B 132 -22.85 -29.64 -20.43
N GLN B 133 -21.58 -29.22 -20.62
CA GLN B 133 -21.41 -27.93 -21.24
C GLN B 133 -20.77 -27.91 -22.61
N ASP B 134 -21.44 -27.15 -23.50
CA ASP B 134 -21.16 -26.89 -24.93
C ASP B 134 -20.83 -25.41 -25.21
N LYS B 138 -19.07 -28.65 -28.34
CA LYS B 138 -18.63 -29.38 -29.51
C LYS B 138 -19.21 -28.83 -30.85
N GLU B 139 -18.52 -27.80 -31.42
CA GLU B 139 -18.86 -27.16 -32.70
C GLU B 139 -18.02 -27.86 -33.77
N ASP B 140 -18.67 -28.81 -34.45
CA ASP B 140 -18.15 -29.70 -35.49
C ASP B 140 -16.60 -29.67 -35.72
N ASN B 141 -16.15 -28.75 -36.62
CA ASN B 141 -14.82 -28.56 -37.16
C ASN B 141 -14.00 -27.46 -36.48
N ILE B 142 -12.66 -27.62 -36.57
CA ILE B 142 -11.59 -26.75 -36.10
C ILE B 142 -11.76 -25.35 -36.70
N GLU B 143 -12.08 -25.26 -38.01
CA GLU B 143 -12.35 -24.01 -38.71
C GLU B 143 -13.60 -23.31 -38.16
N ALA B 144 -14.63 -24.10 -37.74
CA ALA B 144 -15.88 -23.59 -37.17
C ALA B 144 -15.62 -22.92 -35.84
N VAL B 145 -14.91 -23.62 -34.94
CA VAL B 145 -14.57 -23.10 -33.62
C VAL B 145 -13.70 -21.87 -33.75
N GLY B 146 -12.66 -21.98 -34.59
CA GLY B 146 -11.74 -20.89 -34.89
C GLY B 146 -12.46 -19.62 -35.30
N LYS B 147 -13.46 -19.76 -36.20
CA LYS B 147 -14.29 -18.67 -36.70
C LYS B 147 -15.12 -18.05 -35.58
N LYS B 148 -15.82 -18.87 -34.76
CA LYS B 148 -16.68 -18.40 -33.67
C LYS B 148 -15.85 -17.70 -32.61
N LEU B 149 -14.74 -18.35 -32.15
CA LEU B 149 -13.81 -17.74 -31.19
C LEU B 149 -13.40 -16.36 -31.67
N HIS B 150 -12.97 -16.24 -32.95
CA HIS B 150 -12.61 -14.94 -33.50
C HIS B 150 -13.71 -13.93 -33.28
N GLU B 151 -15.00 -14.29 -33.52
CA GLU B 151 -16.14 -13.39 -33.31
C GLU B 151 -16.32 -13.02 -31.84
N TYR B 152 -16.28 -14.03 -30.92
CA TYR B 152 -16.38 -13.82 -29.47
C TYR B 152 -15.26 -12.89 -28.99
N ASN B 153 -13.98 -13.25 -29.22
CA ASN B 153 -12.79 -12.47 -28.86
C ASN B 153 -12.90 -11.02 -29.29
N THR B 154 -13.51 -10.77 -30.44
CA THR B 154 -13.69 -9.43 -31.00
C THR B 154 -14.75 -8.66 -30.21
N GLN B 155 -15.91 -9.30 -29.98
CA GLN B 155 -17.03 -8.73 -29.22
C GLN B 155 -16.52 -8.42 -27.82
N PHE B 156 -15.60 -9.29 -27.31
CA PHE B 156 -15.02 -9.16 -25.98
C PHE B 156 -14.20 -7.92 -25.87
N GLN B 157 -13.22 -7.72 -26.76
CA GLN B 157 -12.40 -6.51 -26.74
C GLN B 157 -13.28 -5.23 -26.88
N GLU B 158 -14.32 -5.28 -27.73
CA GLU B 158 -15.28 -4.20 -27.90
C GLU B 158 -15.88 -3.85 -26.53
N LYS B 159 -16.62 -4.78 -25.88
CA LYS B 159 -17.22 -4.57 -24.56
C LYS B 159 -16.21 -4.20 -23.47
N SER B 160 -15.02 -4.84 -23.45
CA SER B 160 -13.95 -4.54 -22.48
C SER B 160 -13.68 -3.03 -22.47
N ARG B 161 -13.36 -2.47 -23.66
CA ARG B 161 -13.10 -1.04 -23.90
C ARG B 161 -14.28 -0.16 -23.44
N GLU B 162 -15.53 -0.57 -23.76
CA GLU B 162 -16.75 0.14 -23.36
C GLU B 162 -16.86 0.20 -21.83
N TYR B 163 -16.50 -0.89 -21.15
CA TYR B 163 -16.55 -1.01 -19.71
C TYR B 163 -15.50 -0.14 -19.04
N ASP B 164 -14.22 -0.26 -19.47
CA ASP B 164 -13.09 0.52 -18.95
C ASP B 164 -13.34 2.01 -19.12
N ARG B 165 -13.99 2.40 -20.23
CA ARG B 165 -14.35 3.78 -20.54
C ARG B 165 -15.41 4.26 -19.54
N LEU B 166 -16.45 3.45 -19.29
CA LEU B 166 -17.53 3.75 -18.36
C LEU B 166 -16.98 3.81 -16.92
N TYR B 167 -15.96 2.98 -16.62
CA TYR B 167 -15.27 2.96 -15.33
C TYR B 167 -14.47 4.24 -15.10
N GLU B 168 -13.83 4.78 -16.17
CA GLU B 168 -13.06 6.04 -16.16
C GLU B 168 -13.99 7.17 -15.75
N GLU B 169 -15.19 7.23 -16.36
CA GLU B 169 -16.21 8.22 -16.04
C GLU B 169 -16.82 7.99 -14.67
N TYR B 170 -16.98 6.72 -14.25
CA TYR B 170 -17.50 6.37 -12.93
C TYR B 170 -16.62 6.92 -11.81
N THR B 171 -15.29 6.72 -11.92
CA THR B 171 -14.33 7.19 -10.93
C THR B 171 -14.16 8.71 -11.01
N ARG B 172 -14.18 9.29 -12.23
CA ARG B 172 -14.06 10.74 -12.42
C ARG B 172 -15.25 11.49 -11.80
N THR B 173 -16.48 10.99 -12.00
CA THR B 173 -17.73 11.55 -11.47
C THR B 173 -17.73 11.44 -9.93
N SER B 174 -17.33 10.27 -9.41
CA SER B 174 -17.27 9.98 -7.99
C SER B 174 -16.30 10.97 -7.28
N GLN B 175 -15.14 11.21 -7.90
CA GLN B 175 -14.11 12.14 -7.40
C GLN B 175 -14.66 13.56 -7.44
N GLU B 176 -15.28 13.97 -8.57
CA GLU B 176 -15.84 15.30 -8.77
C GLU B 176 -16.98 15.60 -7.79
N ILE B 177 -17.87 14.63 -7.55
CA ILE B 177 -18.96 14.80 -6.58
C ILE B 177 -18.34 15.11 -5.23
N GLN B 178 -17.38 14.26 -4.78
CA GLN B 178 -16.66 14.39 -3.50
C GLN B 178 -16.06 15.77 -3.32
N MET B 179 -15.43 16.32 -4.39
CA MET B 179 -14.88 17.67 -4.39
C MET B 179 -16.02 18.65 -4.07
N LYS B 180 -17.10 18.64 -4.90
CA LYS B 180 -18.30 19.49 -4.77
C LYS B 180 -18.88 19.47 -3.38
N ARG B 181 -18.94 18.29 -2.74
CA ARG B 181 -19.45 18.09 -1.40
C ARG B 181 -18.62 18.81 -0.34
N THR B 182 -17.28 18.85 -0.53
CA THR B 182 -16.35 19.57 0.34
C THR B 182 -16.50 21.11 0.15
N ALA B 183 -16.74 21.56 -1.09
CA ALA B 183 -16.93 22.96 -1.39
C ALA B 183 -18.30 23.48 -0.89
N ILE B 184 -19.33 22.62 -0.80
CA ILE B 184 -20.60 23.08 -0.23
C ILE B 184 -20.37 23.33 1.27
N GLU B 185 -19.62 22.41 1.94
CA GLU B 185 -19.18 22.50 3.35
C GLU B 185 -18.39 23.79 3.63
N ALA B 186 -17.53 24.20 2.68
CA ALA B 186 -16.73 25.41 2.71
C ALA B 186 -17.59 26.64 2.53
N PHE B 187 -18.59 26.63 1.62
CA PHE B 187 -19.54 27.73 1.42
C PHE B 187 -20.40 27.92 2.69
N ASN B 188 -20.90 26.81 3.25
CA ASN B 188 -21.68 26.83 4.48
C ASN B 188 -20.92 27.57 5.55
N GLU B 189 -19.66 27.18 5.80
CA GLU B 189 -18.81 27.82 6.79
C GLU B 189 -18.53 29.30 6.44
N THR B 190 -18.40 29.62 5.12
CA THR B 190 -18.18 30.98 4.64
C THR B 190 -19.37 31.86 5.06
N ILE B 191 -20.59 31.37 4.73
CA ILE B 191 -21.88 32.00 5.00
C ILE B 191 -22.05 32.23 6.50
N LYS B 192 -21.68 31.25 7.34
CA LYS B 192 -21.73 31.32 8.81
C LYS B 192 -20.91 32.50 9.32
N ILE B 193 -19.66 32.68 8.80
CA ILE B 193 -18.77 33.80 9.11
C ILE B 193 -19.40 35.18 8.74
N PHE B 194 -19.92 35.29 7.51
CA PHE B 194 -20.53 36.50 7.00
C PHE B 194 -21.80 36.89 7.73
N GLU B 195 -22.63 35.89 8.09
CA GLU B 195 -23.88 36.13 8.81
C GLU B 195 -23.55 36.61 10.24
N GLU B 196 -22.46 36.08 10.86
CA GLU B 196 -21.97 36.49 12.19
C GLU B 196 -21.54 37.95 12.07
N GLN B 197 -20.94 38.32 10.92
CA GLN B 197 -20.46 39.68 10.63
C GLN B 197 -21.62 40.68 10.63
N CYS B 198 -22.80 40.26 10.17
CA CYS B 198 -24.00 41.11 10.17
C CYS B 198 -24.46 41.34 11.60
N GLN B 199 -24.51 40.25 12.40
CA GLN B 199 -24.86 40.26 13.80
C GLN B 199 -23.96 41.23 14.57
N THR B 200 -22.65 41.26 14.23
CA THR B 200 -21.66 42.16 14.83
C THR B 200 -22.01 43.59 14.46
N GLN B 201 -22.38 43.85 13.17
CA GLN B 201 -22.74 45.21 12.72
C GLN B 201 -24.00 45.65 13.46
N GLU B 202 -25.05 44.80 13.46
CA GLU B 202 -26.33 44.99 14.14
C GLU B 202 -26.10 45.33 15.62
N ARG B 203 -25.31 44.50 16.33
CA ARG B 203 -24.95 44.70 17.74
C ARG B 203 -24.34 46.10 17.98
N TYR B 204 -23.17 46.38 17.36
CA TYR B 204 -22.47 47.65 17.53
C TYR B 204 -23.22 48.89 17.04
N SER B 205 -23.57 48.94 15.72
CA SER B 205 -24.22 50.07 15.04
C SER B 205 -25.49 50.61 15.68
N LYS B 206 -26.35 49.73 16.26
CA LYS B 206 -27.62 50.15 16.88
C LYS B 206 -27.46 51.32 17.88
N GLU B 207 -26.40 51.27 18.70
CA GLU B 207 -26.09 52.33 19.66
C GLU B 207 -25.60 53.59 18.99
N TYR B 208 -24.71 53.44 18.00
CA TYR B 208 -24.09 54.56 17.28
C TYR B 208 -25.05 55.27 16.34
N ILE B 209 -26.06 54.58 15.75
CA ILE B 209 -27.05 55.21 14.87
C ILE B 209 -27.91 56.18 15.71
N GLU B 210 -28.29 55.75 16.93
CA GLU B 210 -29.02 56.55 17.91
C GLU B 210 -28.13 57.75 18.32
N LYS B 211 -26.84 57.48 18.62
CA LYS B 211 -25.81 58.45 19.01
C LYS B 211 -25.51 59.49 17.91
N PHE B 212 -25.79 59.15 16.63
CA PHE B 212 -25.57 60.03 15.48
C PHE B 212 -26.82 60.81 15.09
N LYS B 213 -28.03 60.20 15.25
CA LYS B 213 -29.32 60.87 14.96
C LYS B 213 -29.49 62.10 15.88
N ARG B 214 -29.09 61.96 17.17
CA ARG B 214 -29.11 63.02 18.19
C ARG B 214 -28.07 64.10 17.85
N GLU B 215 -26.80 63.70 17.61
CA GLU B 215 -25.70 64.61 17.23
C GLU B 215 -25.87 65.20 15.80
N GLY B 216 -27.03 64.91 15.18
CA GLY B 216 -27.46 65.36 13.86
C GLY B 216 -26.59 64.96 12.68
N ASN B 217 -25.66 64.00 12.90
CA ASN B 217 -24.71 63.49 11.90
C ASN B 217 -25.35 62.44 10.98
N GLU B 218 -26.00 62.89 9.90
CA GLU B 218 -26.67 62.01 8.95
C GLU B 218 -25.69 61.33 7.99
N LYS B 219 -24.58 62.03 7.66
CA LYS B 219 -23.55 61.55 6.73
C LYS B 219 -22.96 60.24 7.18
N GLU B 220 -22.54 60.16 8.47
CA GLU B 220 -21.98 58.95 9.08
C GLU B 220 -23.03 57.82 9.19
N ILE B 221 -24.33 58.16 9.43
CA ILE B 221 -25.41 57.18 9.46
C ILE B 221 -25.47 56.50 8.07
N GLN B 222 -25.44 57.31 7.00
CA GLN B 222 -25.44 56.85 5.61
C GLN B 222 -24.24 55.97 5.30
N ARG B 223 -23.12 56.20 6.00
CA ARG B 223 -21.87 55.47 5.84
C ARG B 223 -21.97 54.09 6.49
N ILE B 224 -22.62 54.00 7.65
CA ILE B 224 -22.86 52.74 8.37
C ILE B 224 -23.79 51.89 7.51
N MET B 225 -24.83 52.51 6.95
CA MET B 225 -25.83 51.86 6.10
C MET B 225 -25.26 51.37 4.81
N HIS B 226 -24.36 52.16 4.18
CA HIS B 226 -23.73 51.75 2.94
C HIS B 226 -22.88 50.50 3.13
N ASN B 227 -22.10 50.45 4.22
CA ASN B 227 -21.28 49.29 4.52
C ASN B 227 -22.11 48.03 4.80
N TYR B 228 -23.25 48.15 5.53
CA TYR B 228 -24.10 46.98 5.82
C TYR B 228 -24.69 46.44 4.51
N ASP B 229 -25.18 47.36 3.62
CA ASP B 229 -25.72 47.03 2.29
C ASP B 229 -24.70 46.26 1.47
N LYS B 230 -23.44 46.76 1.48
CA LYS B 230 -22.25 46.19 0.84
C LYS B 230 -22.07 44.74 1.30
N LEU B 231 -22.19 44.50 2.63
CA LEU B 231 -22.03 43.19 3.25
C LEU B 231 -23.10 42.19 2.82
N LYS B 232 -24.39 42.58 2.91
CA LYS B 232 -25.50 41.71 2.54
C LYS B 232 -25.55 41.40 1.03
N SER B 233 -25.08 42.33 0.18
CA SER B 233 -25.05 42.08 -1.25
C SER B 233 -24.05 40.96 -1.56
N ARG B 234 -22.92 40.94 -0.80
CA ARG B 234 -21.87 39.93 -0.88
C ARG B 234 -22.44 38.59 -0.38
N ILE B 235 -23.09 38.57 0.80
CA ILE B 235 -23.76 37.37 1.33
C ILE B 235 -24.70 36.79 0.27
N SER B 236 -25.46 37.66 -0.48
CA SER B 236 -26.37 37.18 -1.52
C SER B 236 -25.64 36.51 -2.68
N GLU B 237 -24.42 37.01 -3.04
CA GLU B 237 -23.54 36.45 -4.07
C GLU B 237 -23.01 35.09 -3.60
N ILE B 238 -22.59 35.02 -2.32
CA ILE B 238 -22.07 33.79 -1.69
C ILE B 238 -23.21 32.75 -1.56
N ILE B 239 -24.44 33.19 -1.28
CA ILE B 239 -25.55 32.26 -1.16
C ILE B 239 -25.90 31.66 -2.55
N ASP B 240 -25.77 32.46 -3.61
CA ASP B 240 -26.08 32.01 -4.95
C ASP B 240 -24.98 31.16 -5.52
N SER B 241 -23.73 31.42 -5.10
CA SER B 241 -22.58 30.62 -5.54
C SER B 241 -22.73 29.18 -5.05
N ARG B 242 -23.23 29.02 -3.81
CA ARG B 242 -23.51 27.73 -3.20
C ARG B 242 -24.73 27.11 -3.88
N ARG B 243 -25.85 27.85 -3.99
CA ARG B 243 -27.07 27.35 -4.65
C ARG B 243 -26.80 26.81 -6.08
N ARG B 244 -25.90 27.48 -6.84
CA ARG B 244 -25.49 27.05 -8.17
C ARG B 244 -24.68 25.76 -8.06
N LEU B 245 -23.75 25.67 -7.07
CA LEU B 245 -22.94 24.48 -6.84
C LEU B 245 -23.77 23.28 -6.35
N GLU B 246 -24.75 23.51 -5.44
CA GLU B 246 -25.69 22.50 -4.92
C GLU B 246 -26.47 21.89 -6.10
N GLU B 247 -26.81 22.75 -7.11
CA GLU B 247 -27.52 22.39 -8.34
C GLU B 247 -26.69 21.52 -9.28
N ASP B 248 -25.39 21.85 -9.48
CA ASP B 248 -24.45 21.07 -10.29
C ASP B 248 -24.27 19.70 -9.62
N LEU B 249 -24.34 19.68 -8.27
CA LEU B 249 -24.22 18.48 -7.45
C LEU B 249 -25.43 17.55 -7.61
N LYS B 250 -26.66 18.11 -7.66
CA LYS B 250 -27.89 17.32 -7.89
C LYS B 250 -27.77 16.63 -9.26
N LYS B 251 -27.32 17.40 -10.28
CA LYS B 251 -27.10 16.97 -11.65
C LYS B 251 -26.00 15.90 -11.76
N GLN B 252 -24.91 16.02 -10.96
CA GLN B 252 -23.82 15.06 -11.01
C GLN B 252 -24.12 13.80 -10.22
N ALA B 253 -24.92 13.91 -9.16
CA ALA B 253 -25.30 12.74 -8.37
C ALA B 253 -26.24 11.90 -9.24
N ALA B 254 -27.03 12.58 -10.09
CA ALA B 254 -27.96 11.98 -11.03
C ALA B 254 -27.17 11.21 -12.10
N GLU B 255 -26.17 11.85 -12.72
CA GLU B 255 -25.39 11.15 -13.74
C GLU B 255 -24.53 10.05 -13.12
N TYR B 256 -24.11 10.18 -11.83
CA TYR B 256 -23.38 9.09 -11.17
C TYR B 256 -24.26 7.84 -11.13
N ARG B 257 -25.54 8.01 -10.68
CA ARG B 257 -26.57 6.97 -10.62
C ARG B 257 -26.78 6.29 -11.97
N GLU B 258 -26.64 7.02 -13.09
CA GLU B 258 -26.83 6.37 -14.38
C GLU B 258 -25.64 5.55 -14.76
N ILE B 259 -24.41 6.09 -14.63
CA ILE B 259 -23.17 5.35 -14.88
C ILE B 259 -23.18 4.02 -14.09
N ASP B 260 -23.50 4.06 -12.77
CA ASP B 260 -23.60 2.88 -11.91
C ASP B 260 -24.59 1.85 -12.49
N LYS B 261 -25.84 2.29 -12.80
CA LYS B 261 -26.90 1.50 -13.41
C LYS B 261 -26.34 0.78 -14.65
N ARG B 262 -25.67 1.54 -15.55
CA ARG B 262 -25.05 1.04 -16.77
C ARG B 262 -23.93 0.04 -16.49
N MET B 263 -23.06 0.33 -15.50
CA MET B 263 -21.92 -0.49 -15.08
C MET B 263 -22.42 -1.85 -14.60
N ASN B 264 -23.47 -1.86 -13.74
CA ASN B 264 -24.06 -3.07 -13.18
C ASN B 264 -24.71 -4.00 -14.23
N SER B 265 -24.94 -3.48 -15.44
CA SER B 265 -25.51 -4.23 -16.55
C SER B 265 -24.40 -4.82 -17.45
N ILE B 266 -23.34 -4.03 -17.74
CA ILE B 266 -22.25 -4.51 -18.57
C ILE B 266 -21.48 -5.62 -17.84
N LYS B 267 -21.12 -5.42 -16.55
CA LYS B 267 -20.33 -6.34 -15.74
C LYS B 267 -20.72 -7.81 -15.89
N PRO B 268 -21.98 -8.24 -15.66
CA PRO B 268 -22.32 -9.66 -15.80
C PRO B 268 -22.21 -10.22 -17.22
N ASP B 269 -22.50 -9.40 -18.22
CA ASP B 269 -22.43 -9.84 -19.61
C ASP B 269 -20.96 -10.04 -20.01
N LEU B 270 -20.11 -9.08 -19.60
CA LEU B 270 -18.68 -9.11 -19.85
C LEU B 270 -18.01 -10.36 -19.25
N ILE B 271 -18.48 -10.87 -18.08
CA ILE B 271 -17.94 -12.09 -17.43
C ILE B 271 -18.28 -13.31 -18.28
N GLN B 272 -19.59 -13.48 -18.60
CA GLN B 272 -20.14 -14.55 -19.42
C GLN B 272 -19.42 -14.55 -20.78
N LEU B 273 -19.41 -13.39 -21.49
CA LEU B 273 -18.72 -13.22 -22.78
C LEU B 273 -17.23 -13.61 -22.71
N ARG B 274 -16.56 -13.32 -21.58
CA ARG B 274 -15.16 -13.69 -21.36
C ARG B 274 -15.05 -15.21 -21.11
N LYS B 275 -16.03 -15.80 -20.42
CA LYS B 275 -15.98 -17.24 -20.10
C LYS B 275 -16.26 -18.08 -21.36
N THR B 276 -17.17 -17.58 -22.23
CA THR B 276 -17.54 -18.23 -23.50
C THR B 276 -16.28 -18.31 -24.38
N ARG B 277 -15.60 -17.16 -24.57
CA ARG B 277 -14.35 -16.95 -25.29
C ARG B 277 -13.30 -17.95 -24.78
N ASP B 278 -13.05 -17.95 -23.46
CA ASP B 278 -12.10 -18.83 -22.77
C ASP B 278 -12.39 -20.32 -22.96
N GLN B 279 -13.65 -20.68 -23.24
CA GLN B 279 -14.09 -22.05 -23.49
C GLN B 279 -13.71 -22.45 -24.92
N TYR B 280 -13.89 -21.53 -25.88
CA TYR B 280 -13.54 -21.71 -27.29
C TYR B 280 -12.05 -21.76 -27.49
N LEU B 281 -11.30 -21.07 -26.63
CA LEU B 281 -9.84 -21.08 -26.64
C LEU B 281 -9.33 -22.42 -26.11
N MET B 282 -10.03 -23.00 -25.12
CA MET B 282 -9.65 -24.28 -24.52
C MET B 282 -9.99 -25.44 -25.45
N TRP B 283 -11.18 -25.41 -26.10
CA TRP B 283 -11.63 -26.43 -27.04
C TRP B 283 -10.62 -26.54 -28.16
N LEU B 284 -10.23 -25.38 -28.73
CA LEU B 284 -9.25 -25.22 -29.81
C LEU B 284 -7.95 -25.96 -29.46
N THR B 285 -7.48 -25.76 -28.22
CA THR B 285 -6.28 -26.39 -27.70
C THR B 285 -6.45 -27.92 -27.55
N GLN B 286 -7.59 -28.35 -26.97
CA GLN B 286 -7.95 -29.76 -26.75
C GLN B 286 -8.07 -30.60 -28.05
N LYS B 287 -8.72 -30.01 -29.08
CA LYS B 287 -8.92 -30.65 -30.38
C LYS B 287 -7.64 -30.71 -31.23
N GLY B 288 -6.79 -29.70 -31.12
CA GLY B 288 -5.54 -29.60 -31.86
C GLY B 288 -4.39 -30.47 -31.38
N VAL B 289 -3.22 -30.31 -32.04
CA VAL B 289 -2.01 -31.07 -31.72
C VAL B 289 -1.44 -30.53 -30.40
N ARG B 290 -1.20 -31.44 -29.42
CA ARG B 290 -0.67 -31.12 -28.10
C ARG B 290 0.65 -31.82 -27.80
N GLN B 291 1.53 -31.17 -26.98
CA GLN B 291 2.84 -31.68 -26.56
C GLN B 291 2.76 -32.42 -25.23
#